data_6LGB
#
_entry.id   6LGB
#
_cell.length_a   64.700
_cell.length_b   128.530
_cell.length_c   153.980
_cell.angle_alpha   90.000
_cell.angle_beta   90.000
_cell.angle_gamma   90.000
#
_symmetry.space_group_name_H-M   'P 21 21 21'
#
loop_
_entity.id
_entity.type
_entity.pdbx_description
1 polymer 'Sucrose hydrolase'
2 non-polymer 'MAGNESIUM ION'
3 non-polymer 'CALCIUM ION'
4 non-polymer alpha-D-glucopyranose
5 non-polymer GLYCEROL
6 water water
#
_entity_poly.entity_id   1
_entity_poly.type   'polypeptide(L)'
_entity_poly.pdbx_seq_one_letter_code
;MGSSHHHHHHSSGLVPRGSHMSNQNAPTPPPTEVIQLDWWKNCVLYQIYPRSFKDSDGDGIGDLKGIISELKHFVDAGVD
AIWMSPIFESPMVDFGYDISNFYDIHYEYGTMEDFEELLDKAHELGLKVLLDFVPNHASNESEYFIKSEAREPGYENFFI
WADPLPNPENPGVRLPPSNWVSQFGGSAWEWSEKRQQYYLHQFAIQQVDFDFRNPAVKQEMFNIMKFWLDKGADGFRLDA
LPYLIEADPADHEGRYPDDPLSGLTQFESHQLGYTIPLYTKDLIELYDVVYEWREFLDEYNKNHGGDTRVVFSEGYANVS
MTMLYYGNEDGAIGAHFPFNFDFITDLSSKSNARDFVYIILRWLTYMPYGGIPNWVFGNHDNNRMPTRFRHDMVDGLNII
NMLLPGVAVTYQGEEIGMRDGYVSWEDTVDIEACNRGDPDTYHLYSRDPARTPYHWDNSTSAGFSTSTNTWLPVAEDYQE
INLAKQKETARSHFKNYQALTKLRKQATLSHGEYDIRALSDRTFYLVRSLPTHDTYVLLFNVSERRDTVDLGRVPHLTLP
ATVYVSSIHSARLAGHEITSSQLSLEAGEALVLKAQPI
;
_entity_poly.pdbx_strand_id   A,B
#
# COMPACT_ATOMS: atom_id res chain seq x y z
N VAL A 34 -31.58 -17.42 -2.44
CA VAL A 34 -30.57 -16.65 -1.63
C VAL A 34 -30.95 -16.78 -0.14
N ILE A 35 -30.12 -17.49 0.64
CA ILE A 35 -30.38 -17.82 2.07
C ILE A 35 -30.28 -16.52 2.88
N GLN A 36 -31.26 -16.26 3.75
CA GLN A 36 -31.29 -15.03 4.59
C GLN A 36 -30.05 -15.03 5.49
N LEU A 37 -29.38 -13.88 5.57
CA LEU A 37 -28.13 -13.71 6.35
C LEU A 37 -28.50 -13.39 7.80
N ASP A 38 -27.67 -13.85 8.76
CA ASP A 38 -27.76 -13.36 10.16
C ASP A 38 -27.68 -11.82 10.13
N TRP A 39 -28.36 -11.14 11.06
CA TRP A 39 -28.63 -9.69 10.98
C TRP A 39 -27.32 -8.88 10.87
N TRP A 40 -26.25 -9.36 11.48
CA TRP A 40 -25.01 -8.57 11.66
C TRP A 40 -24.13 -8.66 10.40
N LYS A 41 -24.53 -9.47 9.42
CA LYS A 41 -23.70 -9.73 8.22
C LYS A 41 -23.93 -8.66 7.16
N ASN A 42 -25.08 -7.96 7.19
CA ASN A 42 -25.35 -6.89 6.21
C ASN A 42 -26.18 -5.78 6.84
N CYS A 43 -26.05 -5.57 8.15
CA CYS A 43 -26.74 -4.46 8.82
C CYS A 43 -26.18 -3.12 8.33
N VAL A 44 -27.03 -2.11 8.35
CA VAL A 44 -26.63 -0.68 8.39
C VAL A 44 -26.49 -0.33 9.88
N LEU A 45 -25.27 0.01 10.27
CA LEU A 45 -24.88 0.22 11.69
C LEU A 45 -24.61 1.71 11.85
N TYR A 46 -25.28 2.36 12.79
CA TYR A 46 -25.16 3.83 12.95
C TYR A 46 -24.55 4.11 14.31
N GLN A 47 -23.48 4.90 14.34
CA GLN A 47 -22.85 5.36 15.62
C GLN A 47 -23.57 6.62 16.10
N ILE A 48 -24.16 6.53 17.27
CA ILE A 48 -24.66 7.71 18.04
C ILE A 48 -23.55 8.19 18.97
N TYR A 49 -23.30 9.50 19.00
CA TYR A 49 -22.50 10.20 20.04
C TYR A 49 -23.52 10.85 20.97
N PRO A 50 -23.93 10.14 22.04
CA PRO A 50 -25.10 10.55 22.82
C PRO A 50 -25.06 12.01 23.29
N ARG A 51 -23.88 12.52 23.66
CA ARG A 51 -23.75 13.91 24.19
C ARG A 51 -24.19 14.91 23.13
N SER A 52 -24.21 14.53 21.84
CA SER A 52 -24.48 15.49 20.74
C SER A 52 -25.68 15.06 19.89
N PHE A 53 -26.39 14.00 20.25
CA PHE A 53 -27.52 13.51 19.40
C PHE A 53 -28.77 14.34 19.67
N LYS A 54 -29.36 14.19 20.86
CA LYS A 54 -30.61 14.94 21.21
C LYS A 54 -30.64 15.22 22.72
N ASP A 55 -30.76 16.50 23.05
CA ASP A 55 -30.98 17.01 24.44
C ASP A 55 -32.49 17.12 24.69
N SER A 56 -33.01 16.31 25.61
CA SER A 56 -34.43 16.21 26.00
C SER A 56 -34.75 17.16 27.17
N ASP A 57 -33.75 17.68 27.89
CA ASP A 57 -34.03 18.36 29.19
C ASP A 57 -33.38 19.74 29.29
N GLY A 58 -32.96 20.34 28.17
CA GLY A 58 -32.51 21.74 28.06
C GLY A 58 -31.26 22.10 28.85
N ASP A 59 -30.36 21.14 29.13
CA ASP A 59 -29.04 21.41 29.79
C ASP A 59 -27.93 21.55 28.74
N GLY A 60 -28.27 21.47 27.45
CA GLY A 60 -27.32 21.58 26.34
C GLY A 60 -26.51 20.30 26.16
N ILE A 61 -26.91 19.22 26.83
CA ILE A 61 -26.18 17.91 26.84
C ILE A 61 -27.13 16.82 26.31
N GLY A 62 -26.71 16.10 25.28
CA GLY A 62 -27.52 14.98 24.75
C GLY A 62 -27.70 13.89 25.80
N ASP A 63 -28.82 13.18 25.76
CA ASP A 63 -29.19 12.25 26.83
C ASP A 63 -30.04 11.09 26.26
N LEU A 64 -30.30 10.08 27.07
CA LEU A 64 -30.97 8.83 26.66
C LEU A 64 -32.44 9.11 26.31
N LYS A 65 -33.14 9.94 27.07
CA LYS A 65 -34.54 10.31 26.72
C LYS A 65 -34.54 10.98 25.34
N GLY A 66 -33.54 11.79 25.04
CA GLY A 66 -33.36 12.39 23.71
C GLY A 66 -33.24 11.32 22.63
N ILE A 67 -32.37 10.33 22.81
CA ILE A 67 -32.26 9.17 21.87
C ILE A 67 -33.62 8.48 21.75
N ILE A 68 -34.26 8.16 22.86
CA ILE A 68 -35.54 7.39 22.87
C ILE A 68 -36.54 8.14 22.00
N SER A 69 -36.55 9.47 22.11
CA SER A 69 -37.52 10.36 21.41
C SER A 69 -37.29 10.33 19.89
N GLU A 70 -36.10 9.92 19.41
CA GLU A 70 -35.78 9.94 17.96
C GLU A 70 -35.38 8.53 17.49
N LEU A 71 -35.78 7.47 18.19
CA LEU A 71 -35.54 6.09 17.71
C LEU A 71 -36.22 5.89 16.35
N LYS A 72 -37.35 6.56 16.10
CA LYS A 72 -38.06 6.55 14.80
C LYS A 72 -37.15 7.01 13.66
N HIS A 73 -36.19 7.88 13.91
CA HIS A 73 -35.23 8.35 12.88
C HIS A 73 -34.49 7.17 12.25
N PHE A 74 -34.08 6.20 13.06
CA PHE A 74 -33.31 5.04 12.57
C PHE A 74 -34.19 4.21 11.64
N VAL A 75 -35.46 4.02 12.00
CA VAL A 75 -36.42 3.28 11.12
C VAL A 75 -36.58 4.08 9.81
N ASP A 76 -36.79 5.38 9.89
CA ASP A 76 -36.99 6.28 8.72
C ASP A 76 -35.76 6.20 7.80
N ALA A 77 -34.56 6.22 8.39
CA ALA A 77 -33.28 6.22 7.64
C ALA A 77 -32.99 4.86 6.99
N GLY A 78 -33.52 3.75 7.51
CA GLY A 78 -33.17 2.38 7.08
C GLY A 78 -31.94 1.84 7.81
N VAL A 79 -31.72 2.31 9.03
CA VAL A 79 -30.66 1.81 9.94
C VAL A 79 -31.19 0.55 10.65
N ASP A 80 -30.38 -0.48 10.76
CA ASP A 80 -30.75 -1.76 11.42
C ASP A 80 -30.25 -1.80 12.86
N ALA A 81 -29.12 -1.14 13.15
CA ALA A 81 -28.41 -1.32 14.43
C ALA A 81 -27.78 0.01 14.82
N ILE A 82 -27.83 0.33 16.11
CA ILE A 82 -27.17 1.54 16.65
C ILE A 82 -26.11 1.07 17.64
N TRP A 83 -25.00 1.77 17.66
CA TRP A 83 -24.02 1.67 18.77
C TRP A 83 -23.82 3.07 19.34
N MET A 84 -23.69 3.17 20.66
CA MET A 84 -23.50 4.47 21.36
C MET A 84 -22.07 4.58 21.91
N SER A 85 -21.41 5.70 21.67
CA SER A 85 -20.23 6.11 22.45
C SER A 85 -20.60 5.98 23.93
N PRO A 86 -19.64 5.70 24.81
CA PRO A 86 -19.95 5.22 26.16
C PRO A 86 -20.91 6.10 26.95
N ILE A 87 -21.81 5.43 27.67
CA ILE A 87 -22.87 6.11 28.49
C ILE A 87 -22.73 5.67 29.96
N PHE A 88 -21.66 4.96 30.31
CA PHE A 88 -21.43 4.47 31.68
C PHE A 88 -20.93 5.62 32.55
N GLU A 89 -21.02 5.48 33.87
CA GLU A 89 -20.59 6.54 34.82
C GLU A 89 -19.17 6.97 34.44
N SER A 90 -18.93 8.27 34.34
CA SER A 90 -17.64 8.84 33.87
C SER A 90 -17.48 10.27 34.36
N PRO A 91 -16.29 10.63 34.90
CA PRO A 91 -15.96 12.03 35.19
C PRO A 91 -15.87 12.95 33.97
N MET A 92 -15.99 12.41 32.74
CA MET A 92 -16.10 13.16 31.46
C MET A 92 -14.77 13.82 31.05
N VAL A 93 -13.63 13.40 31.60
CA VAL A 93 -12.28 13.90 31.20
C VAL A 93 -12.12 13.64 29.69
N ASP A 94 -12.49 12.45 29.25
CA ASP A 94 -12.46 12.06 27.81
C ASP A 94 -13.89 11.71 27.39
N PHE A 95 -14.86 12.51 27.87
CA PHE A 95 -16.30 12.44 27.50
C PHE A 95 -16.79 11.00 27.33
N GLY A 96 -16.63 10.20 28.38
CA GLY A 96 -17.24 8.87 28.56
C GLY A 96 -16.23 7.75 28.40
N TYR A 97 -15.06 8.00 27.77
CA TYR A 97 -14.02 6.95 27.59
C TYR A 97 -13.14 6.83 28.84
N ASP A 98 -13.37 7.69 29.85
CA ASP A 98 -12.83 7.51 31.22
C ASP A 98 -13.96 7.03 32.12
N ILE A 99 -14.09 5.72 32.30
CA ILE A 99 -15.25 5.07 32.95
C ILE A 99 -14.93 4.81 34.43
N SER A 100 -15.77 5.33 35.33
CA SER A 100 -15.58 5.18 36.80
C SER A 100 -16.49 4.07 37.34
N ASN A 101 -17.55 3.69 36.61
CA ASN A 101 -18.41 2.55 36.98
C ASN A 101 -18.94 1.90 35.70
N PHE A 102 -18.51 0.68 35.40
CA PHE A 102 -18.85 -0.04 34.14
C PHE A 102 -20.23 -0.70 34.29
N TYR A 103 -20.93 -0.52 35.41
CA TYR A 103 -22.24 -1.19 35.66
C TYR A 103 -23.40 -0.21 35.85
N ASP A 104 -23.22 1.07 35.55
CA ASP A 104 -24.33 2.03 35.68
C ASP A 104 -24.15 3.18 34.70
N ILE A 105 -25.20 3.99 34.58
CA ILE A 105 -25.38 5.02 33.53
C ILE A 105 -24.89 6.36 34.05
N HIS A 106 -24.18 7.11 33.22
CA HIS A 106 -23.76 8.50 33.49
C HIS A 106 -24.98 9.37 33.77
N TYR A 107 -25.00 10.08 34.90
CA TYR A 107 -26.20 10.82 35.37
C TYR A 107 -26.66 11.88 34.35
N GLU A 108 -25.75 12.59 33.67
CA GLU A 108 -26.11 13.60 32.66
C GLU A 108 -26.88 12.94 31.50
N TYR A 109 -26.65 11.66 31.22
CA TYR A 109 -27.32 10.97 30.09
C TYR A 109 -28.65 10.37 30.56
N GLY A 110 -28.72 10.00 31.84
CA GLY A 110 -29.98 9.51 32.45
C GLY A 110 -29.74 8.40 33.44
N THR A 111 -30.70 7.49 33.59
CA THR A 111 -30.68 6.40 34.60
C THR A 111 -30.63 5.03 33.94
N MET A 112 -30.43 4.00 34.75
CA MET A 112 -30.53 2.59 34.34
C MET A 112 -31.92 2.39 33.72
N GLU A 113 -32.94 3.01 34.31
CA GLU A 113 -34.36 2.86 33.88
C GLU A 113 -34.53 3.45 32.47
N ASP A 114 -33.92 4.59 32.19
CA ASP A 114 -33.87 5.23 30.85
C ASP A 114 -33.19 4.29 29.84
N PHE A 115 -32.08 3.68 30.22
CA PHE A 115 -31.37 2.72 29.34
C PHE A 115 -32.28 1.51 29.05
N GLU A 116 -32.94 0.98 30.07
CA GLU A 116 -33.89 -0.17 29.92
C GLU A 116 -35.01 0.23 28.94
N GLU A 117 -35.49 1.47 29.05
CA GLU A 117 -36.58 1.99 28.18
C GLU A 117 -36.05 2.05 26.75
N LEU A 118 -34.82 2.55 26.57
CA LEU A 118 -34.18 2.68 25.23
C LEU A 118 -34.10 1.29 24.59
N LEU A 119 -33.59 0.28 25.29
CA LEU A 119 -33.48 -1.11 24.76
C LEU A 119 -34.88 -1.60 24.34
N ASP A 120 -35.85 -1.41 25.24
CA ASP A 120 -37.24 -1.92 25.07
C ASP A 120 -37.83 -1.33 23.78
N LYS A 121 -37.77 -0.01 23.64
CA LYS A 121 -38.40 0.72 22.52
C LYS A 121 -37.60 0.49 21.24
N ALA A 122 -36.27 0.38 21.31
CA ALA A 122 -35.47 0.06 20.10
C ALA A 122 -35.86 -1.35 19.60
N HIS A 123 -35.96 -2.32 20.50
CA HIS A 123 -36.31 -3.72 20.18
C HIS A 123 -37.74 -3.78 19.61
N GLU A 124 -38.66 -2.99 20.16
CA GLU A 124 -40.05 -2.91 19.64
C GLU A 124 -40.02 -2.40 18.19
N LEU A 125 -39.10 -1.50 17.87
CA LEU A 125 -38.99 -0.94 16.49
C LEU A 125 -38.14 -1.83 15.58
N GLY A 126 -37.65 -2.98 16.07
CA GLY A 126 -36.85 -3.97 15.31
C GLY A 126 -35.38 -3.59 15.21
N LEU A 127 -34.91 -2.62 16.01
CA LEU A 127 -33.49 -2.18 16.01
C LEU A 127 -32.67 -3.06 16.95
N LYS A 128 -31.39 -3.21 16.61
CA LYS A 128 -30.37 -3.82 17.49
C LYS A 128 -29.61 -2.67 18.18
N VAL A 129 -29.20 -2.88 19.42
CA VAL A 129 -28.51 -1.86 20.26
C VAL A 129 -27.23 -2.45 20.82
N LEU A 130 -26.10 -1.84 20.47
CA LEU A 130 -24.77 -2.27 20.94
C LEU A 130 -24.25 -1.20 21.90
N LEU A 131 -23.65 -1.64 22.99
CA LEU A 131 -22.96 -0.78 23.96
C LEU A 131 -21.48 -0.75 23.60
N ASP A 132 -20.89 0.43 23.68
CA ASP A 132 -19.44 0.60 23.49
C ASP A 132 -18.82 0.82 24.87
N PHE A 133 -17.74 0.10 25.18
CA PHE A 133 -16.86 0.49 26.30
C PHE A 133 -15.42 0.15 25.92
N VAL A 134 -14.50 0.68 26.72
CA VAL A 134 -13.04 0.56 26.45
C VAL A 134 -12.46 -0.40 27.49
N PRO A 135 -12.13 -1.65 27.12
CA PRO A 135 -11.53 -2.59 28.06
C PRO A 135 -10.14 -2.15 28.54
N ASN A 136 -9.42 -1.32 27.77
CA ASN A 136 -8.00 -1.03 28.02
C ASN A 136 -7.81 -0.33 29.37
N HIS A 137 -8.73 0.55 29.77
CA HIS A 137 -8.48 1.43 30.93
C HIS A 137 -9.78 1.81 31.65
N ALA A 138 -9.60 2.25 32.90
CA ALA A 138 -10.65 2.77 33.80
C ALA A 138 -10.26 4.18 34.24
N SER A 139 -11.25 5.00 34.55
CA SER A 139 -11.09 6.29 35.25
C SER A 139 -10.27 6.09 36.53
N ASN A 140 -9.41 7.04 36.85
CA ASN A 140 -8.73 7.08 38.17
C ASN A 140 -9.76 7.32 39.29
N GLU A 141 -11.04 7.61 38.97
CA GLU A 141 -12.11 7.75 40.01
C GLU A 141 -12.91 6.46 40.11
N SER A 142 -12.50 5.39 39.41
CA SER A 142 -13.12 4.05 39.57
C SER A 142 -12.72 3.45 40.91
N GLU A 143 -13.61 2.63 41.50
CA GLU A 143 -13.26 1.87 42.72
C GLU A 143 -12.08 0.95 42.42
N TYR A 144 -12.02 0.31 41.24
CA TYR A 144 -10.85 -0.49 40.84
C TYR A 144 -9.56 0.29 41.18
N PHE A 145 -9.46 1.53 40.72
CA PHE A 145 -8.19 2.31 40.79
C PHE A 145 -7.94 2.73 42.25
N ILE A 146 -8.95 3.28 42.90
CA ILE A 146 -8.87 3.70 44.33
C ILE A 146 -8.32 2.53 45.16
N LYS A 147 -8.87 1.33 45.01
CA LYS A 147 -8.44 0.16 45.78
C LYS A 147 -7.04 -0.27 45.37
N SER A 148 -6.72 -0.22 44.07
CA SER A 148 -5.41 -0.70 43.55
C SER A 148 -4.34 0.22 44.12
N GLU A 149 -4.58 1.52 44.08
CA GLU A 149 -3.63 2.55 44.54
C GLU A 149 -3.38 2.31 46.05
N ALA A 150 -4.44 1.94 46.79
CA ALA A 150 -4.40 1.67 48.25
C ALA A 150 -3.92 0.25 48.57
N ARG A 151 -3.51 -0.53 47.57
CA ARG A 151 -2.98 -1.91 47.66
C ARG A 151 -3.99 -2.83 48.39
N GLU A 152 -5.28 -2.49 48.33
CA GLU A 152 -6.39 -3.32 48.89
C GLU A 152 -6.24 -4.73 48.34
N PRO A 153 -6.41 -5.78 49.18
CA PRO A 153 -6.19 -7.16 48.73
C PRO A 153 -7.07 -7.50 47.51
N GLY A 154 -6.48 -8.19 46.53
CA GLY A 154 -7.15 -8.59 45.28
C GLY A 154 -7.05 -7.51 44.21
N TYR A 155 -6.65 -6.29 44.55
CA TYR A 155 -6.64 -5.12 43.63
C TYR A 155 -5.22 -4.61 43.35
N GLU A 156 -4.20 -5.13 44.04
CA GLU A 156 -2.84 -4.54 44.00
C GLU A 156 -2.35 -4.52 42.55
N ASN A 157 -2.61 -5.59 41.80
CA ASN A 157 -2.06 -5.83 40.45
C ASN A 157 -3.15 -5.62 39.37
N PHE A 158 -4.17 -4.81 39.65
CA PHE A 158 -5.30 -4.58 38.71
C PHE A 158 -4.82 -3.67 37.59
N PHE A 159 -3.84 -2.80 37.87
CA PHE A 159 -3.24 -1.83 36.92
C PHE A 159 -1.73 -2.05 36.88
N ILE A 160 -1.07 -1.40 35.92
CA ILE A 160 0.40 -1.55 35.67
C ILE A 160 1.11 -0.53 36.55
N TRP A 161 1.79 -1.03 37.59
CA TRP A 161 2.49 -0.24 38.62
C TRP A 161 3.98 -0.54 38.54
N ALA A 162 4.83 0.51 38.54
CA ALA A 162 6.27 0.39 38.32
C ALA A 162 7.03 1.41 39.17
N ASP A 163 8.27 1.07 39.48
CA ASP A 163 9.16 1.93 40.28
C ASP A 163 9.88 2.94 39.38
N PRO A 164 10.33 4.07 39.96
CA PRO A 164 11.07 5.07 39.19
C PRO A 164 12.47 4.58 38.82
N LEU A 165 13.11 5.32 37.92
CA LEU A 165 14.55 5.12 37.65
C LEU A 165 15.31 6.33 38.21
N PRO A 166 16.58 6.15 38.60
CA PRO A 166 17.36 7.26 39.12
C PRO A 166 17.70 8.21 37.96
N ASN A 167 17.86 9.49 38.27
CA ASN A 167 18.10 10.54 37.26
C ASN A 167 19.57 10.98 37.34
N PRO A 168 20.40 10.69 36.31
CA PRO A 168 21.85 10.98 36.36
C PRO A 168 22.16 12.47 36.46
N GLU A 169 21.29 13.31 35.91
CA GLU A 169 21.53 14.76 35.70
C GLU A 169 20.96 15.58 36.87
N ASN A 170 20.04 15.04 37.67
CA ASN A 170 19.61 15.66 38.95
C ASN A 170 18.89 14.60 39.76
N PRO A 171 19.57 13.95 40.73
CA PRO A 171 19.03 12.76 41.40
C PRO A 171 17.73 13.00 42.17
N GLY A 172 17.41 14.24 42.53
CA GLY A 172 16.14 14.56 43.20
C GLY A 172 14.95 14.40 42.29
N VAL A 173 15.16 14.42 40.96
CA VAL A 173 14.05 14.40 39.95
C VAL A 173 13.90 12.96 39.45
N ARG A 174 12.86 12.26 39.90
CA ARG A 174 12.68 10.84 39.51
C ARG A 174 12.39 10.80 37.99
N LEU A 175 12.83 9.73 37.38
CA LEU A 175 12.53 9.42 35.97
C LEU A 175 11.54 8.27 35.96
N PRO A 176 10.65 8.27 34.94
CA PRO A 176 9.67 7.20 34.79
C PRO A 176 10.31 5.87 34.42
N PRO A 177 9.56 4.76 34.57
CA PRO A 177 10.08 3.43 34.30
C PRO A 177 10.61 3.23 32.86
N SER A 178 10.06 3.96 31.92
CA SER A 178 10.49 3.91 30.50
C SER A 178 10.09 5.20 29.81
N ASN A 179 10.50 5.33 28.54
CA ASN A 179 10.29 6.54 27.71
C ASN A 179 8.91 6.51 27.06
N TRP A 180 8.00 5.62 27.48
CA TRP A 180 6.72 5.45 26.75
C TRP A 180 5.92 6.76 26.73
N VAL A 181 5.32 7.07 25.59
CA VAL A 181 4.58 8.35 25.35
C VAL A 181 3.08 8.06 25.28
N SER A 182 2.30 8.85 25.98
CA SER A 182 0.82 8.86 25.95
C SER A 182 0.28 9.28 24.57
N GLN A 183 -0.81 8.67 24.12
CA GLN A 183 -1.54 9.08 22.89
C GLN A 183 -1.99 10.54 22.99
N PHE A 184 -2.10 11.12 24.18
CA PHE A 184 -2.51 12.54 24.37
C PHE A 184 -1.31 13.41 24.75
N GLY A 185 -0.09 12.93 24.49
CA GLY A 185 1.15 13.68 24.76
C GLY A 185 1.62 13.49 26.18
N GLY A 186 2.91 13.76 26.40
CA GLY A 186 3.62 13.59 27.66
C GLY A 186 3.88 12.13 27.96
N SER A 187 4.46 11.85 29.12
CA SER A 187 4.83 10.49 29.57
C SER A 187 3.56 9.64 29.70
N ALA A 188 3.67 8.35 29.38
CA ALA A 188 2.58 7.37 29.62
C ALA A 188 2.63 6.91 31.09
N TRP A 189 3.48 7.53 31.93
CA TRP A 189 3.62 7.11 33.34
C TRP A 189 3.28 8.29 34.27
N GLU A 190 2.38 8.06 35.23
CA GLU A 190 1.96 9.09 36.21
C GLU A 190 2.33 8.64 37.62
N TRP A 191 3.00 9.51 38.39
CA TRP A 191 3.38 9.22 39.78
C TRP A 191 2.15 9.27 40.69
N SER A 192 2.00 8.26 41.52
CA SER A 192 0.99 8.23 42.61
C SER A 192 1.69 8.53 43.94
N GLU A 193 1.40 9.69 44.55
CA GLU A 193 1.90 10.08 45.90
C GLU A 193 1.53 8.96 46.90
N LYS A 194 0.27 8.56 46.87
CA LYS A 194 -0.29 7.58 47.82
C LYS A 194 0.43 6.22 47.70
N ARG A 195 0.65 5.68 46.50
CA ARG A 195 1.26 4.33 46.36
C ARG A 195 2.79 4.41 46.24
N GLN A 196 3.38 5.58 45.96
CA GLN A 196 4.85 5.69 45.76
C GLN A 196 5.28 4.76 44.61
N GLN A 197 4.48 4.72 43.54
CA GLN A 197 4.87 4.04 42.28
C GLN A 197 4.25 4.82 41.13
N TYR A 198 4.75 4.64 39.91
CA TYR A 198 4.09 5.16 38.69
C TYR A 198 3.01 4.17 38.25
N TYR A 199 1.90 4.67 37.70
CA TYR A 199 0.96 3.81 36.94
C TYR A 199 1.00 4.19 35.46
N LEU A 200 0.66 3.21 34.64
CA LEU A 200 0.66 3.35 33.16
C LEU A 200 -0.67 3.95 32.69
N HIS A 201 -0.59 4.94 31.82
CA HIS A 201 -1.77 5.51 31.10
C HIS A 201 -1.38 5.75 29.64
N GLN A 202 -1.82 4.88 28.73
CA GLN A 202 -1.55 5.09 27.29
C GLN A 202 -2.39 6.28 26.80
N PHE A 203 -3.50 6.59 27.47
CA PHE A 203 -4.34 7.75 27.11
C PHE A 203 -4.17 8.83 28.20
N ALA A 204 -5.24 9.47 28.67
CA ALA A 204 -5.10 10.60 29.61
C ALA A 204 -4.50 10.10 30.94
N ILE A 205 -3.94 11.01 31.72
CA ILE A 205 -3.51 10.76 33.13
C ILE A 205 -4.65 10.02 33.86
N GLN A 206 -5.90 10.40 33.59
CA GLN A 206 -7.08 9.90 34.34
C GLN A 206 -7.57 8.55 33.78
N GLN A 207 -6.96 8.04 32.70
CA GLN A 207 -7.31 6.72 32.11
C GLN A 207 -6.19 5.73 32.43
N VAL A 208 -6.43 4.84 33.38
CA VAL A 208 -5.41 3.92 33.96
C VAL A 208 -5.53 2.55 33.28
N ASP A 209 -4.43 2.11 32.66
CA ASP A 209 -4.34 0.83 31.91
C ASP A 209 -4.46 -0.36 32.87
N PHE A 210 -5.48 -1.19 32.69
CA PHE A 210 -5.60 -2.49 33.40
C PHE A 210 -4.44 -3.41 33.05
N ASP A 211 -4.09 -4.30 33.98
CA ASP A 211 -3.11 -5.38 33.68
C ASP A 211 -3.86 -6.58 33.09
N PHE A 212 -3.76 -6.78 31.77
CA PHE A 212 -4.50 -7.88 31.08
C PHE A 212 -3.77 -9.22 31.23
N ARG A 213 -2.65 -9.29 31.97
CA ARG A 213 -2.03 -10.58 32.38
C ARG A 213 -2.61 -11.01 33.73
N ASN A 214 -3.43 -10.18 34.35
CA ASN A 214 -4.06 -10.48 35.66
C ASN A 214 -5.38 -11.22 35.42
N PRO A 215 -5.51 -12.51 35.81
CA PRO A 215 -6.74 -13.26 35.54
C PRO A 215 -7.97 -12.57 36.15
N ALA A 216 -7.83 -11.80 37.23
CA ALA A 216 -8.94 -11.10 37.88
C ALA A 216 -9.46 -9.94 37.02
N VAL A 217 -8.55 -9.27 36.30
CA VAL A 217 -8.94 -8.21 35.32
C VAL A 217 -9.77 -8.86 34.20
N LYS A 218 -9.32 -9.99 33.67
CA LYS A 218 -9.97 -10.69 32.54
C LYS A 218 -11.34 -11.17 33.01
N GLN A 219 -11.42 -11.69 34.24
CA GLN A 219 -12.71 -12.14 34.82
C GLN A 219 -13.65 -10.94 34.92
N GLU A 220 -13.18 -9.77 35.35
CA GLU A 220 -14.02 -8.56 35.53
C GLU A 220 -14.64 -8.15 34.18
N MET A 221 -13.88 -8.33 33.09
CA MET A 221 -14.38 -7.99 31.72
C MET A 221 -15.56 -8.92 31.40
N PHE A 222 -15.46 -10.22 31.69
CA PHE A 222 -16.57 -11.19 31.49
C PHE A 222 -17.76 -10.79 32.37
N ASN A 223 -17.51 -10.34 33.60
CA ASN A 223 -18.56 -9.87 34.55
C ASN A 223 -19.30 -8.67 33.94
N ILE A 224 -18.58 -7.71 33.39
CA ILE A 224 -19.21 -6.49 32.80
C ILE A 224 -20.06 -6.92 31.60
N MET A 225 -19.51 -7.75 30.73
CA MET A 225 -20.21 -8.19 29.49
C MET A 225 -21.46 -8.98 29.89
N LYS A 226 -21.36 -9.95 30.79
CA LYS A 226 -22.52 -10.75 31.25
C LYS A 226 -23.59 -9.81 31.78
N PHE A 227 -23.21 -8.80 32.57
CA PHE A 227 -24.19 -7.88 33.19
C PHE A 227 -25.05 -7.21 32.10
N TRP A 228 -24.43 -6.66 31.06
CA TRP A 228 -25.16 -5.87 30.02
C TRP A 228 -25.85 -6.79 29.01
N LEU A 229 -25.32 -7.96 28.73
CA LEU A 229 -26.01 -8.96 27.88
C LEU A 229 -27.26 -9.44 28.60
N ASP A 230 -27.20 -9.56 29.93
CA ASP A 230 -28.37 -9.98 30.75
C ASP A 230 -29.45 -8.90 30.67
N LYS A 231 -29.09 -7.61 30.56
CA LYS A 231 -30.04 -6.49 30.40
C LYS A 231 -30.73 -6.53 29.03
N GLY A 232 -30.16 -7.27 28.06
CA GLY A 232 -30.71 -7.45 26.70
C GLY A 232 -29.93 -6.71 25.61
N ALA A 233 -28.71 -6.23 25.88
CA ALA A 233 -27.88 -5.58 24.81
C ALA A 233 -27.62 -6.59 23.69
N ASP A 234 -27.52 -6.11 22.45
CA ASP A 234 -27.36 -6.99 21.26
C ASP A 234 -25.86 -7.23 20.99
N GLY A 235 -25.00 -6.62 21.79
CA GLY A 235 -23.55 -6.86 21.74
C GLY A 235 -22.77 -5.63 22.09
N PHE A 236 -21.48 -5.68 21.80
CA PHE A 236 -20.50 -4.67 22.25
C PHE A 236 -19.64 -4.21 21.07
N ARG A 237 -19.24 -2.95 21.14
CA ARG A 237 -18.06 -2.42 20.43
C ARG A 237 -16.99 -2.16 21.50
N LEU A 238 -15.76 -2.55 21.22
CA LEU A 238 -14.69 -2.48 22.26
C LEU A 238 -13.50 -1.66 21.75
N ASP A 239 -13.11 -0.61 22.48
CA ASP A 239 -12.15 0.41 22.01
C ASP A 239 -10.70 0.08 22.38
N ALA A 240 -9.78 0.66 21.61
CA ALA A 240 -8.36 0.85 21.97
C ALA A 240 -7.65 -0.49 22.21
N LEU A 241 -8.08 -1.53 21.50
CA LEU A 241 -7.56 -2.91 21.70
C LEU A 241 -6.07 -2.98 21.35
N PRO A 242 -5.50 -2.24 20.37
CA PRO A 242 -4.07 -2.36 20.09
C PRO A 242 -3.19 -2.10 21.34
N TYR A 243 -3.74 -1.37 22.31
CA TYR A 243 -2.98 -0.91 23.50
C TYR A 243 -3.19 -1.85 24.68
N LEU A 244 -3.89 -2.97 24.53
CA LEU A 244 -4.24 -3.80 25.73
C LEU A 244 -2.96 -4.17 26.48
N ILE A 245 -1.99 -4.79 25.80
CA ILE A 245 -0.84 -5.46 26.45
C ILE A 245 0.47 -4.76 26.07
N GLU A 246 1.35 -4.56 27.06
CA GLU A 246 2.70 -3.98 26.85
C GLU A 246 3.73 -5.02 27.30
N ALA A 247 4.99 -4.80 26.94
CA ALA A 247 6.10 -5.70 27.30
C ALA A 247 6.00 -6.07 28.78
N ASP A 248 6.24 -7.35 29.09
CA ASP A 248 6.32 -7.88 30.47
C ASP A 248 7.72 -7.61 30.97
N PRO A 249 7.90 -6.86 32.07
CA PRO A 249 9.24 -6.61 32.63
C PRO A 249 9.97 -7.92 32.95
N ALA A 250 9.23 -9.01 33.20
CA ALA A 250 9.78 -10.37 33.40
C ALA A 250 10.65 -10.79 32.21
N ASP A 251 10.35 -10.32 30.99
CA ASP A 251 11.11 -10.69 29.76
C ASP A 251 12.25 -9.70 29.47
N HIS A 252 12.44 -8.68 30.32
CA HIS A 252 13.43 -7.59 30.10
C HIS A 252 14.21 -7.33 31.38
N GLU A 253 14.53 -8.39 32.12
CA GLU A 253 15.40 -8.35 33.33
C GLU A 253 14.76 -7.43 34.38
N GLY A 254 13.42 -7.42 34.49
CA GLY A 254 12.69 -6.66 35.52
C GLY A 254 12.47 -5.18 35.17
N ARG A 255 12.79 -4.76 33.94
CA ARG A 255 12.61 -3.36 33.49
C ARG A 255 11.45 -3.29 32.49
N TYR A 256 10.77 -2.14 32.41
CA TYR A 256 9.90 -1.81 31.27
C TYR A 256 10.80 -1.32 30.15
N PRO A 257 10.94 -2.03 28.99
CA PRO A 257 11.90 -1.63 27.97
C PRO A 257 11.45 -0.35 27.26
N ASP A 258 12.40 0.57 27.02
CA ASP A 258 12.13 1.79 26.24
C ASP A 258 11.61 1.39 24.86
N ASP A 259 10.63 2.13 24.37
CA ASP A 259 10.22 2.03 22.95
C ASP A 259 11.36 2.59 22.12
N PRO A 260 11.61 2.03 20.92
CA PRO A 260 12.60 2.60 20.03
C PRO A 260 12.25 4.05 19.68
N LEU A 261 13.26 4.88 19.39
CA LEU A 261 13.05 6.28 18.94
C LEU A 261 12.73 6.30 17.44
N SER A 262 11.83 7.19 17.02
CA SER A 262 11.55 7.48 15.59
C SER A 262 12.78 8.13 14.95
N GLY A 263 13.60 8.85 15.72
CA GLY A 263 14.80 9.55 15.23
C GLY A 263 14.45 10.77 14.39
N LEU A 264 13.25 11.31 14.57
CA LEU A 264 12.75 12.49 13.80
C LEU A 264 12.91 13.75 14.65
N THR A 265 13.72 14.70 14.17
CA THR A 265 14.06 15.93 14.92
C THR A 265 12.79 16.72 15.26
N GLN A 266 11.68 16.57 14.52
CA GLN A 266 10.47 17.41 14.76
C GLN A 266 9.75 17.00 16.05
N PHE A 267 10.02 15.82 16.62
CA PHE A 267 9.38 15.38 17.90
C PHE A 267 10.39 15.44 19.07
N GLU A 268 10.03 16.17 20.12
CA GLU A 268 10.70 16.13 21.43
C GLU A 268 10.13 14.97 22.26
N SER A 269 10.79 14.64 23.37
CA SER A 269 10.59 13.41 24.18
C SER A 269 9.16 13.32 24.74
N HIS A 270 8.46 14.45 24.86
CA HIS A 270 7.08 14.54 25.44
C HIS A 270 6.05 14.47 24.32
N GLN A 271 6.46 14.34 23.05
CA GLN A 271 5.52 14.49 21.92
C GLN A 271 5.26 13.13 21.29
N LEU A 272 4.00 12.82 21.04
CA LEU A 272 3.60 11.63 20.28
C LEU A 272 4.31 11.67 18.92
N GLY A 273 4.99 10.59 18.56
CA GLY A 273 5.85 10.48 17.36
C GLY A 273 7.32 10.35 17.73
N TYR A 274 7.69 10.69 18.97
CA TYR A 274 9.07 10.55 19.47
C TYR A 274 9.50 9.08 19.43
N THR A 275 8.55 8.18 19.72
CA THR A 275 8.79 6.73 19.82
C THR A 275 8.03 5.97 18.73
N ILE A 276 8.49 4.75 18.48
CA ILE A 276 7.79 3.71 17.67
C ILE A 276 7.28 2.71 18.70
N PRO A 277 5.96 2.45 18.77
CA PRO A 277 5.42 1.70 19.92
C PRO A 277 5.60 0.17 19.84
N LEU A 278 6.84 -0.28 19.70
CA LEU A 278 7.19 -1.72 19.56
C LEU A 278 6.72 -2.50 20.78
N TYR A 279 6.91 -1.96 21.98
CA TYR A 279 6.66 -2.71 23.25
C TYR A 279 5.30 -2.31 23.85
N THR A 280 4.55 -1.42 23.21
CA THR A 280 3.35 -0.80 23.81
C THR A 280 2.10 -0.95 22.93
N LYS A 281 2.21 -1.52 21.75
CA LYS A 281 1.05 -1.60 20.80
C LYS A 281 1.17 -2.82 19.90
N ASP A 282 0.02 -3.45 19.63
CA ASP A 282 -0.14 -4.59 18.69
C ASP A 282 0.62 -5.82 19.19
N LEU A 283 0.74 -6.00 20.50
CA LEU A 283 1.44 -7.23 20.99
C LEU A 283 0.55 -8.44 20.71
N ILE A 284 1.15 -9.53 20.24
CA ILE A 284 0.39 -10.73 19.78
C ILE A 284 -0.50 -11.23 20.92
N GLU A 285 -0.10 -11.06 22.19
CA GLU A 285 -0.87 -11.55 23.36
C GLU A 285 -2.25 -10.88 23.44
N LEU A 286 -2.41 -9.66 22.90
CA LEU A 286 -3.71 -8.97 22.98
C LEU A 286 -4.78 -9.81 22.29
N TYR A 287 -4.45 -10.46 21.16
CA TYR A 287 -5.47 -11.18 20.37
C TYR A 287 -6.03 -12.35 21.17
N ASP A 288 -5.22 -12.96 22.04
CA ASP A 288 -5.69 -14.11 22.86
C ASP A 288 -6.83 -13.64 23.77
N VAL A 289 -6.77 -12.41 24.26
CA VAL A 289 -7.85 -11.82 25.11
C VAL A 289 -9.13 -11.67 24.28
N VAL A 290 -8.98 -11.22 23.04
CA VAL A 290 -10.14 -11.04 22.12
C VAL A 290 -10.75 -12.40 21.81
N TYR A 291 -9.94 -13.42 21.55
CA TYR A 291 -10.44 -14.78 21.21
C TYR A 291 -11.21 -15.33 22.43
N GLU A 292 -10.75 -15.04 23.65
CA GLU A 292 -11.45 -15.45 24.89
C GLU A 292 -12.79 -14.73 24.96
N TRP A 293 -12.83 -13.43 24.65
CA TRP A 293 -14.10 -12.67 24.64
C TRP A 293 -15.08 -13.34 23.68
N ARG A 294 -14.61 -13.77 22.51
CA ARG A 294 -15.52 -14.36 21.49
C ARG A 294 -16.02 -15.72 22.03
N GLU A 295 -15.13 -16.50 22.65
CA GLU A 295 -15.47 -17.84 23.21
C GLU A 295 -16.61 -17.65 24.21
N PHE A 296 -16.49 -16.65 25.10
CA PHE A 296 -17.50 -16.30 26.12
C PHE A 296 -18.82 -15.92 25.44
N LEU A 297 -18.76 -15.11 24.37
CA LEU A 297 -19.99 -14.65 23.66
C LEU A 297 -20.64 -15.81 22.92
N ASP A 298 -19.86 -16.71 22.32
CA ASP A 298 -20.37 -17.91 21.61
C ASP A 298 -21.14 -18.77 22.61
N GLU A 299 -20.58 -18.96 23.81
CA GLU A 299 -21.19 -19.76 24.89
C GLU A 299 -22.48 -19.08 25.35
N TYR A 300 -22.45 -17.75 25.53
CA TYR A 300 -23.64 -16.97 25.92
C TYR A 300 -24.76 -17.11 24.88
N ASN A 301 -24.43 -16.99 23.59
CA ASN A 301 -25.41 -17.11 22.47
C ASN A 301 -25.99 -18.53 22.46
N LYS A 302 -25.15 -19.55 22.65
CA LYS A 302 -25.55 -20.98 22.73
C LYS A 302 -26.54 -21.19 23.89
N ASN A 303 -26.25 -20.63 25.07
CA ASN A 303 -27.00 -20.86 26.33
C ASN A 303 -28.32 -20.05 26.38
N HIS A 304 -28.42 -18.91 25.70
CA HIS A 304 -29.58 -17.99 25.83
C HIS A 304 -30.45 -18.03 24.57
N GLY A 305 -29.90 -18.52 23.46
CA GLY A 305 -30.53 -18.46 22.12
C GLY A 305 -31.02 -17.06 21.79
N GLY A 306 -32.09 -16.97 21.03
CA GLY A 306 -32.53 -15.72 20.38
C GLY A 306 -31.50 -15.27 19.35
N ASP A 307 -31.58 -14.01 18.94
CA ASP A 307 -30.70 -13.44 17.89
C ASP A 307 -29.25 -13.37 18.40
N THR A 308 -28.30 -13.56 17.49
CA THR A 308 -26.85 -13.51 17.78
C THR A 308 -26.50 -12.20 18.47
N ARG A 309 -25.72 -12.28 19.54
CA ARG A 309 -25.10 -11.09 20.18
C ARG A 309 -23.66 -11.03 19.69
N VAL A 310 -23.19 -9.83 19.35
CA VAL A 310 -21.94 -9.68 18.55
C VAL A 310 -20.92 -8.89 19.33
N VAL A 311 -19.68 -8.98 18.88
CA VAL A 311 -18.62 -8.09 19.36
C VAL A 311 -17.88 -7.56 18.13
N PHE A 312 -17.85 -6.25 18.00
CA PHE A 312 -17.07 -5.51 16.98
C PHE A 312 -15.90 -4.82 17.70
N SER A 313 -14.71 -4.91 17.13
CA SER A 313 -13.48 -4.39 17.77
C SER A 313 -13.00 -3.11 17.07
N GLU A 314 -12.39 -2.22 17.85
CA GLU A 314 -11.66 -1.04 17.34
C GLU A 314 -10.17 -1.23 17.51
N GLY A 315 -9.43 -1.02 16.43
CA GLY A 315 -7.98 -0.84 16.46
C GLY A 315 -7.53 -0.18 15.17
N TYR A 316 -6.75 0.88 15.29
CA TYR A 316 -6.05 1.52 14.16
C TYR A 316 -4.66 0.90 14.13
N ALA A 317 -4.42 0.06 13.12
CA ALA A 317 -3.18 -0.73 13.01
C ALA A 317 -2.99 -1.07 11.54
N ASN A 318 -1.83 -1.60 11.19
CA ASN A 318 -1.59 -1.99 9.79
C ASN A 318 -2.58 -3.13 9.45
N VAL A 319 -2.75 -3.40 8.17
CA VAL A 319 -3.85 -4.29 7.74
C VAL A 319 -3.67 -5.71 8.29
N SER A 320 -2.45 -6.26 8.30
CA SER A 320 -2.23 -7.64 8.78
C SER A 320 -2.53 -7.74 10.28
N MET A 321 -2.16 -6.72 11.08
CA MET A 321 -2.49 -6.72 12.53
C MET A 321 -3.99 -6.48 12.72
N THR A 322 -4.65 -5.77 11.80
CA THR A 322 -6.11 -5.57 11.88
C THR A 322 -6.82 -6.89 11.61
N MET A 323 -6.37 -7.69 10.65
CA MET A 323 -7.08 -8.94 10.29
C MET A 323 -6.99 -9.96 11.45
N LEU A 324 -5.99 -9.87 12.33
CA LEU A 324 -5.90 -10.86 13.45
C LEU A 324 -7.08 -10.68 14.41
N TYR A 325 -7.79 -9.55 14.39
CA TYR A 325 -9.02 -9.39 15.22
C TYR A 325 -10.12 -10.35 14.77
N TYR A 326 -10.20 -10.70 13.48
CA TYR A 326 -11.21 -11.67 12.99
C TYR A 326 -10.90 -13.05 13.58
N GLY A 327 -9.62 -13.35 13.84
CA GLY A 327 -9.13 -14.70 14.19
C GLY A 327 -7.76 -14.93 13.60
N ASN A 328 -7.28 -16.18 13.60
CA ASN A 328 -5.95 -16.45 13.02
C ASN A 328 -6.02 -17.77 12.27
N GLU A 329 -4.94 -18.10 11.59
CA GLU A 329 -4.96 -19.29 10.71
C GLU A 329 -4.67 -20.56 11.50
N ASP A 330 -4.44 -20.48 12.82
CA ASP A 330 -4.48 -21.67 13.71
C ASP A 330 -5.93 -21.99 14.07
N GLY A 331 -6.92 -21.20 13.61
CA GLY A 331 -8.36 -21.46 13.78
C GLY A 331 -8.98 -20.71 14.93
N ALA A 332 -8.24 -19.78 15.54
CA ALA A 332 -8.81 -18.85 16.53
C ALA A 332 -9.90 -18.01 15.86
N ILE A 333 -10.97 -17.71 16.60
CA ILE A 333 -12.09 -16.84 16.14
C ILE A 333 -12.17 -15.65 17.10
N GLY A 334 -12.17 -14.45 16.52
CA GLY A 334 -12.21 -13.21 17.29
C GLY A 334 -13.49 -12.43 17.11
N ALA A 335 -13.36 -11.13 16.93
CA ALA A 335 -14.49 -10.22 16.79
C ALA A 335 -15.30 -10.63 15.55
N HIS A 336 -16.62 -10.49 15.58
CA HIS A 336 -17.49 -10.66 14.39
C HIS A 336 -16.93 -9.83 13.24
N PHE A 337 -16.47 -8.61 13.52
CA PHE A 337 -15.46 -7.95 12.65
C PHE A 337 -14.73 -6.85 13.41
N PRO A 338 -13.47 -6.59 13.02
CA PRO A 338 -12.77 -5.35 13.37
C PRO A 338 -13.25 -4.27 12.41
N PHE A 339 -13.41 -3.05 12.91
CA PHE A 339 -13.79 -1.86 12.11
C PHE A 339 -12.71 -1.59 11.06
N ASN A 340 -13.18 -1.25 9.87
CA ASN A 340 -12.36 -0.87 8.69
C ASN A 340 -12.30 0.66 8.62
N PHE A 341 -11.17 1.26 8.99
CA PHE A 341 -11.05 2.73 9.04
C PHE A 341 -10.41 3.31 7.77
N ASP A 342 -10.32 2.54 6.69
CA ASP A 342 -9.54 2.93 5.50
C ASP A 342 -10.05 4.24 4.88
N PHE A 343 -11.35 4.51 4.85
CA PHE A 343 -11.86 5.80 4.29
C PHE A 343 -11.53 6.98 5.21
N ILE A 344 -11.09 6.72 6.44
CA ILE A 344 -10.56 7.78 7.35
C ILE A 344 -9.05 7.91 7.17
N THR A 345 -8.31 6.81 7.19
CA THR A 345 -6.83 6.84 7.29
C THR A 345 -6.17 6.99 5.93
N ASP A 346 -6.75 6.45 4.85
CA ASP A 346 -5.99 6.22 3.60
C ASP A 346 -6.63 6.90 2.38
N LEU A 347 -7.78 7.56 2.52
CA LEU A 347 -8.40 8.31 1.40
C LEU A 347 -8.80 9.69 1.89
N SER A 348 -8.77 10.66 1.00
CA SER A 348 -9.18 12.05 1.29
C SER A 348 -9.49 12.75 -0.03
N SER A 349 -9.74 14.05 0.04
CA SER A 349 -9.84 14.94 -1.15
C SER A 349 -8.54 14.90 -1.96
N LYS A 350 -7.42 14.38 -1.43
CA LYS A 350 -6.16 14.26 -2.23
C LYS A 350 -6.19 13.01 -3.12
N SER A 351 -7.13 12.10 -2.89
CA SER A 351 -7.18 10.77 -3.56
C SER A 351 -7.81 10.89 -4.95
N ASN A 352 -7.28 10.14 -5.91
CA ASN A 352 -7.87 10.01 -7.26
C ASN A 352 -8.67 8.70 -7.33
N ALA A 353 -9.32 8.44 -8.46
CA ALA A 353 -10.21 7.27 -8.60
C ALA A 353 -9.42 5.96 -8.45
N ARG A 354 -8.17 5.95 -8.85
CA ARG A 354 -7.35 4.72 -8.77
C ARG A 354 -7.01 4.46 -7.31
N ASP A 355 -6.73 5.53 -6.54
CA ASP A 355 -6.51 5.44 -5.08
C ASP A 355 -7.78 4.85 -4.44
N PHE A 356 -8.96 5.36 -4.78
CA PHE A 356 -10.23 4.85 -4.21
C PHE A 356 -10.30 3.33 -4.43
N VAL A 357 -10.08 2.89 -5.66
CA VAL A 357 -10.21 1.44 -5.99
C VAL A 357 -9.17 0.65 -5.22
N TYR A 358 -7.93 1.12 -5.20
CA TYR A 358 -6.81 0.36 -4.59
C TYR A 358 -7.05 0.23 -3.08
N ILE A 359 -7.56 1.29 -2.42
CA ILE A 359 -7.82 1.19 -0.97
C ILE A 359 -9.03 0.29 -0.72
N ILE A 360 -10.11 0.42 -1.49
CA ILE A 360 -11.30 -0.45 -1.31
C ILE A 360 -10.84 -1.93 -1.41
N LEU A 361 -9.94 -2.22 -2.35
CA LEU A 361 -9.43 -3.60 -2.54
C LEU A 361 -8.64 -4.10 -1.33
N ARG A 362 -8.16 -3.23 -0.44
CA ARG A 362 -7.27 -3.72 0.65
C ARG A 362 -8.07 -4.60 1.62
N TRP A 363 -9.21 -4.14 2.12
CA TRP A 363 -9.98 -5.00 3.06
C TRP A 363 -10.39 -6.28 2.33
N LEU A 364 -10.84 -6.17 1.08
CA LEU A 364 -11.40 -7.30 0.32
C LEU A 364 -10.31 -8.30 -0.01
N THR A 365 -9.05 -7.85 -0.08
CA THR A 365 -7.89 -8.73 -0.39
C THR A 365 -7.44 -9.43 0.89
N TYR A 366 -7.44 -8.73 2.03
CA TYR A 366 -6.80 -9.22 3.28
C TYR A 366 -7.80 -9.99 4.16
N MET A 367 -9.08 -9.74 3.99
CA MET A 367 -10.10 -10.28 4.92
C MET A 367 -10.11 -11.80 4.80
N PRO A 368 -10.24 -12.55 5.92
CA PRO A 368 -10.32 -14.00 5.83
C PRO A 368 -11.56 -14.49 5.07
N TYR A 369 -11.45 -15.67 4.47
CA TYR A 369 -12.60 -16.35 3.83
C TYR A 369 -13.72 -16.45 4.86
N GLY A 370 -14.94 -16.05 4.47
CA GLY A 370 -16.15 -16.06 5.30
C GLY A 370 -16.28 -14.81 6.14
N GLY A 371 -15.27 -13.94 6.13
CA GLY A 371 -15.28 -12.69 6.91
C GLY A 371 -16.34 -11.74 6.37
N ILE A 372 -16.89 -10.90 7.24
CA ILE A 372 -17.88 -9.86 6.86
C ILE A 372 -17.12 -8.55 6.67
N PRO A 373 -17.13 -7.97 5.47
CA PRO A 373 -16.55 -6.64 5.27
C PRO A 373 -17.43 -5.57 5.92
N ASN A 374 -16.79 -4.47 6.31
CA ASN A 374 -17.48 -3.28 6.85
C ASN A 374 -16.75 -2.05 6.35
N TRP A 375 -17.44 -0.91 6.34
CA TRP A 375 -16.91 0.34 5.75
C TRP A 375 -17.26 1.48 6.69
N VAL A 376 -16.24 2.18 7.22
CA VAL A 376 -16.41 3.31 8.18
C VAL A 376 -15.90 4.58 7.50
N PHE A 377 -16.72 5.64 7.51
CA PHE A 377 -16.43 6.91 6.81
C PHE A 377 -16.20 8.04 7.80
N GLY A 378 -16.40 7.77 9.08
CA GLY A 378 -16.20 8.79 10.12
C GLY A 378 -16.45 8.26 11.49
N ASN A 379 -16.13 9.10 12.47
CA ASN A 379 -16.47 8.89 13.90
C ASN A 379 -16.13 10.19 14.63
N HIS A 380 -16.33 10.18 15.93
CA HIS A 380 -16.17 11.38 16.79
C HIS A 380 -14.68 11.68 17.02
N ASP A 381 -13.77 10.83 16.52
CA ASP A 381 -12.30 11.04 16.69
C ASP A 381 -11.68 11.69 15.46
N ASN A 382 -12.43 11.86 14.37
CA ASN A 382 -11.84 12.24 13.07
C ASN A 382 -12.71 13.32 12.43
N ASN A 383 -12.14 14.06 11.49
CA ASN A 383 -12.89 15.13 10.79
C ASN A 383 -14.09 14.49 10.09
N ARG A 384 -15.18 15.24 9.97
CA ARG A 384 -16.39 14.70 9.32
C ARG A 384 -16.12 14.42 7.83
N MET A 385 -16.82 13.41 7.34
CA MET A 385 -16.69 12.90 5.95
C MET A 385 -16.58 14.02 4.91
N PRO A 386 -17.49 15.01 4.84
CA PRO A 386 -17.44 16.02 3.77
C PRO A 386 -16.26 17.00 3.92
N THR A 387 -15.73 17.12 5.14
CA THR A 387 -14.56 17.98 5.44
C THR A 387 -13.28 17.27 5.00
N ARG A 388 -13.19 15.96 5.20
CA ARG A 388 -12.00 15.16 4.80
C ARG A 388 -11.97 15.03 3.28
N PHE A 389 -13.14 14.84 2.67
CA PHE A 389 -13.30 14.80 1.22
C PHE A 389 -13.69 16.21 0.78
N ARG A 390 -14.84 16.31 0.10
CA ARG A 390 -15.40 17.59 -0.38
C ARG A 390 -16.91 17.57 -0.22
N HIS A 391 -17.49 18.76 -0.13
CA HIS A 391 -18.96 18.93 0.02
C HIS A 391 -19.70 18.29 -1.15
N ASP A 392 -19.10 18.29 -2.35
CA ASP A 392 -19.77 17.76 -3.57
C ASP A 392 -19.53 16.24 -3.68
N MET A 393 -18.96 15.57 -2.66
CA MET A 393 -18.71 14.11 -2.74
C MET A 393 -19.62 13.34 -1.76
N VAL A 394 -20.47 14.01 -0.99
CA VAL A 394 -21.25 13.35 0.09
C VAL A 394 -22.05 12.19 -0.48
N ASP A 395 -22.81 12.39 -1.54
CA ASP A 395 -23.68 11.32 -2.08
C ASP A 395 -22.83 10.13 -2.58
N GLY A 396 -21.76 10.38 -3.36
CA GLY A 396 -20.90 9.29 -3.85
C GLY A 396 -20.37 8.49 -2.68
N LEU A 397 -19.93 9.15 -1.61
CA LEU A 397 -19.34 8.44 -0.44
C LEU A 397 -20.38 7.56 0.24
N ASN A 398 -21.59 8.07 0.48
CA ASN A 398 -22.70 7.26 1.04
C ASN A 398 -23.03 6.12 0.09
N ILE A 399 -22.98 6.33 -1.23
CA ILE A 399 -23.28 5.21 -2.17
C ILE A 399 -22.21 4.12 -2.00
N ILE A 400 -20.93 4.50 -1.93
CA ILE A 400 -19.85 3.48 -1.76
C ILE A 400 -20.19 2.66 -0.53
N ASN A 401 -20.45 3.34 0.59
CA ASN A 401 -20.76 2.69 1.89
C ASN A 401 -21.86 1.65 1.71
N MET A 402 -22.94 2.06 1.05
CA MET A 402 -24.15 1.19 0.97
C MET A 402 -24.02 0.08 -0.09
N LEU A 403 -23.24 0.28 -1.15
CA LEU A 403 -23.20 -0.60 -2.34
C LEU A 403 -22.07 -1.63 -2.24
N LEU A 404 -21.03 -1.36 -1.44
CA LEU A 404 -19.96 -2.38 -1.25
C LEU A 404 -20.58 -3.55 -0.50
N PRO A 405 -20.05 -4.76 -0.70
CA PRO A 405 -20.51 -5.90 0.08
C PRO A 405 -20.30 -5.71 1.59
N GLY A 406 -21.22 -6.30 2.37
CA GLY A 406 -21.12 -6.39 3.83
C GLY A 406 -21.89 -5.29 4.55
N VAL A 407 -21.24 -4.72 5.55
CA VAL A 407 -21.87 -3.82 6.55
C VAL A 407 -21.50 -2.37 6.25
N ALA A 408 -22.51 -1.52 6.12
CA ALA A 408 -22.34 -0.05 6.03
C ALA A 408 -22.32 0.51 7.44
N VAL A 409 -21.29 1.30 7.77
CA VAL A 409 -21.26 1.99 9.09
C VAL A 409 -21.43 3.48 8.82
N THR A 410 -22.34 4.12 9.55
CA THR A 410 -22.65 5.55 9.44
C THR A 410 -22.37 6.23 10.78
N TYR A 411 -21.63 7.34 10.76
CA TYR A 411 -21.45 8.20 11.95
C TYR A 411 -22.49 9.31 11.87
N GLN A 412 -23.17 9.53 12.98
CA GLN A 412 -24.10 10.65 13.27
C GLN A 412 -23.76 11.89 12.44
N GLY A 413 -24.66 12.29 11.54
CA GLY A 413 -24.47 13.45 10.67
C GLY A 413 -24.16 13.12 9.22
N GLU A 414 -23.56 11.96 8.92
CA GLU A 414 -23.18 11.60 7.52
C GLU A 414 -24.44 11.44 6.64
N GLU A 415 -25.57 11.04 7.24
CA GLU A 415 -26.83 10.84 6.47
C GLU A 415 -27.39 12.19 5.99
N ILE A 416 -26.94 13.32 6.54
CA ILE A 416 -27.33 14.68 6.07
C ILE A 416 -26.10 15.49 5.62
N GLY A 417 -24.91 14.90 5.50
CA GLY A 417 -23.73 15.64 5.01
C GLY A 417 -23.25 16.72 5.99
N MET A 418 -23.38 16.50 7.29
CA MET A 418 -22.83 17.47 8.28
C MET A 418 -21.33 17.69 8.03
N ARG A 419 -20.91 18.95 8.13
CA ARG A 419 -19.49 19.38 8.03
C ARG A 419 -18.95 19.62 9.43
N ASP A 420 -17.63 19.61 9.56
CA ASP A 420 -16.95 20.03 10.81
C ASP A 420 -17.52 21.39 11.22
N GLY A 421 -17.90 21.52 12.49
CA GLY A 421 -18.24 22.81 13.12
C GLY A 421 -17.01 23.58 13.57
N TYR A 422 -17.03 24.91 13.46
CA TYR A 422 -16.00 25.80 14.04
C TYR A 422 -16.06 25.70 15.56
N VAL A 423 -14.93 25.42 16.20
CA VAL A 423 -14.80 25.46 17.69
C VAL A 423 -13.57 26.31 18.02
N SER A 424 -13.79 27.43 18.70
CA SER A 424 -12.71 28.35 19.17
C SER A 424 -11.84 27.62 20.19
N TRP A 425 -10.60 28.08 20.37
CA TRP A 425 -9.75 27.65 21.51
C TRP A 425 -10.57 27.73 22.80
N GLU A 426 -11.30 28.83 22.98
CA GLU A 426 -12.03 29.12 24.24
C GLU A 426 -13.08 28.03 24.47
N ASP A 427 -13.70 27.52 23.40
CA ASP A 427 -14.83 26.56 23.50
C ASP A 427 -14.33 25.11 23.37
N THR A 428 -13.02 24.90 23.16
CA THR A 428 -12.42 23.54 23.02
C THR A 428 -12.49 22.80 24.37
N VAL A 429 -12.93 21.54 24.40
CA VAL A 429 -13.01 20.75 25.66
C VAL A 429 -12.29 19.40 25.46
N ASP A 430 -11.88 19.08 24.24
CA ASP A 430 -11.16 17.80 23.92
C ASP A 430 -9.80 17.81 24.63
N ILE A 431 -9.59 16.89 25.57
CA ILE A 431 -8.32 16.70 26.35
C ILE A 431 -7.13 16.59 25.37
N GLU A 432 -7.30 15.95 24.22
CA GLU A 432 -6.18 15.82 23.24
C GLU A 432 -5.69 17.20 22.83
N ALA A 433 -6.61 18.10 22.45
CA ALA A 433 -6.28 19.49 22.03
C ALA A 433 -5.72 20.28 23.22
N CYS A 434 -6.31 20.12 24.40
CA CYS A 434 -5.88 20.85 25.63
C CYS A 434 -4.46 20.39 26.02
N ASN A 435 -4.11 19.13 25.77
CA ASN A 435 -2.82 18.58 26.25
C ASN A 435 -1.74 18.72 25.18
N ARG A 436 -2.08 18.64 23.88
CA ARG A 436 -1.07 18.63 22.80
C ARG A 436 -0.96 20.00 22.12
N GLY A 437 -1.95 20.87 22.32
CA GLY A 437 -2.14 22.06 21.45
C GLY A 437 -2.20 23.34 22.26
N ASP A 438 -2.12 24.48 21.56
CA ASP A 438 -2.24 25.83 22.17
C ASP A 438 -3.18 26.64 21.27
N PRO A 439 -3.47 27.92 21.57
CA PRO A 439 -4.38 28.71 20.76
C PRO A 439 -4.03 28.77 19.26
N ASP A 440 -2.77 28.55 18.89
CA ASP A 440 -2.30 28.60 17.48
C ASP A 440 -2.29 27.20 16.86
N THR A 441 -2.18 26.12 17.65
CA THR A 441 -2.02 24.74 17.10
C THR A 441 -3.19 23.80 17.45
N TYR A 442 -4.10 24.19 18.36
CA TYR A 442 -5.14 23.25 18.92
C TYR A 442 -5.95 22.58 17.79
N HIS A 443 -6.13 23.26 16.66
CA HIS A 443 -6.95 22.78 15.50
C HIS A 443 -6.30 21.56 14.84
N LEU A 444 -4.98 21.40 14.98
CA LEU A 444 -4.24 20.21 14.46
C LEU A 444 -4.67 18.93 15.18
N TYR A 445 -5.16 19.04 16.43
CA TYR A 445 -5.38 17.89 17.34
C TYR A 445 -6.84 17.69 17.73
N SER A 446 -7.64 18.77 17.82
CA SER A 446 -8.97 18.73 18.46
C SER A 446 -9.89 17.80 17.68
N ARG A 447 -10.65 16.96 18.40
CA ARG A 447 -11.71 16.10 17.83
C ARG A 447 -13.07 16.79 17.96
N ASP A 448 -13.12 17.98 18.59
CA ASP A 448 -14.43 18.65 18.89
C ASP A 448 -15.20 19.01 17.62
N PRO A 449 -14.59 19.47 16.51
CA PRO A 449 -15.35 19.82 15.31
C PRO A 449 -16.25 18.72 14.74
N ALA A 450 -15.97 17.45 15.05
CA ALA A 450 -16.79 16.31 14.59
C ALA A 450 -17.79 15.90 15.66
N ARG A 451 -17.84 16.62 16.79
CA ARG A 451 -18.71 16.29 17.94
C ARG A 451 -19.76 17.38 18.17
N THR A 452 -19.89 18.32 17.26
CA THR A 452 -20.88 19.42 17.43
C THR A 452 -22.28 18.84 17.30
N PRO A 453 -23.28 19.44 17.96
CA PRO A 453 -24.64 18.91 18.00
C PRO A 453 -25.28 18.63 16.64
N TYR A 454 -26.08 17.56 16.61
CA TYR A 454 -26.74 17.06 15.37
C TYR A 454 -27.74 18.11 14.86
N HIS A 455 -27.83 18.27 13.54
CA HIS A 455 -28.70 19.30 12.92
C HIS A 455 -30.07 18.69 12.61
N TRP A 456 -30.98 18.67 13.59
CA TRP A 456 -32.38 18.22 13.39
C TRP A 456 -33.14 19.19 12.47
N ASP A 457 -33.01 20.49 12.70
CA ASP A 457 -33.83 21.50 11.98
C ASP A 457 -33.17 22.88 12.06
N ASN A 458 -33.91 23.93 11.71
CA ASN A 458 -33.35 25.31 11.65
C ASN A 458 -33.78 26.12 12.89
N SER A 459 -34.29 25.46 13.92
CA SER A 459 -34.74 26.07 15.21
C SER A 459 -33.53 26.29 16.10
N THR A 460 -33.74 26.85 17.28
CA THR A 460 -32.64 27.12 18.25
C THR A 460 -31.71 25.89 18.35
N SER A 461 -30.41 26.11 18.22
CA SER A 461 -29.41 25.04 18.44
C SER A 461 -29.71 23.86 17.48
N ALA A 462 -30.17 24.18 16.27
CA ALA A 462 -30.52 23.19 15.22
C ALA A 462 -31.51 22.11 15.74
N GLY A 463 -32.34 22.42 16.72
CA GLY A 463 -33.30 21.47 17.28
C GLY A 463 -32.66 20.38 18.13
N PHE A 464 -31.34 20.43 18.36
CA PHE A 464 -30.62 19.51 19.28
C PHE A 464 -31.08 19.79 20.73
N SER A 465 -31.33 21.07 21.03
CA SER A 465 -31.73 21.53 22.39
C SER A 465 -32.69 22.72 22.30
N THR A 466 -33.51 22.90 23.33
CA THR A 466 -34.31 24.13 23.60
C THR A 466 -33.37 25.22 24.13
N SER A 467 -32.21 24.86 24.69
CA SER A 467 -31.21 25.81 25.24
C SER A 467 -30.22 26.25 24.16
N THR A 468 -29.76 27.50 24.24
CA THR A 468 -28.62 28.03 23.44
C THR A 468 -27.29 27.60 24.05
N ASN A 469 -27.28 26.94 25.22
CA ASN A 469 -26.05 26.61 26.00
C ASN A 469 -25.52 25.20 25.66
N THR A 470 -25.31 24.89 24.39
CA THR A 470 -24.91 23.53 23.98
C THR A 470 -23.46 23.27 24.43
N TRP A 471 -23.18 22.04 24.86
CA TRP A 471 -21.87 21.68 25.47
C TRP A 471 -20.73 21.96 24.48
N LEU A 472 -20.98 21.79 23.18
CA LEU A 472 -20.15 22.35 22.10
C LEU A 472 -21.06 23.24 21.25
N PRO A 473 -20.47 24.28 20.63
CA PRO A 473 -21.21 25.21 19.79
C PRO A 473 -21.75 24.49 18.54
N VAL A 474 -22.97 24.86 18.17
CA VAL A 474 -23.62 24.33 16.94
C VAL A 474 -22.90 24.94 15.74
N ALA A 475 -22.62 24.11 14.74
CA ALA A 475 -21.96 24.55 13.50
C ALA A 475 -22.74 25.72 12.87
N GLU A 476 -22.02 26.59 12.18
CA GLU A 476 -22.55 27.87 11.64
C GLU A 476 -23.52 27.57 10.50
N ASP A 477 -23.46 26.38 9.89
CA ASP A 477 -24.21 26.09 8.64
C ASP A 477 -25.51 25.32 8.93
N TYR A 478 -25.98 25.24 10.17
CA TYR A 478 -27.13 24.38 10.50
C TYR A 478 -28.40 24.84 9.76
N GLN A 479 -28.50 26.10 9.33
CA GLN A 479 -29.70 26.61 8.60
C GLN A 479 -29.71 26.06 7.17
N GLU A 480 -28.54 25.81 6.59
CA GLU A 480 -28.38 25.25 5.22
C GLU A 480 -28.38 23.71 5.30
N ILE A 481 -27.84 23.13 6.37
CA ILE A 481 -27.65 21.64 6.47
C ILE A 481 -28.38 21.09 7.69
N ASN A 482 -29.59 20.56 7.51
CA ASN A 482 -30.34 19.97 8.64
C ASN A 482 -31.33 18.96 8.08
N LEU A 483 -31.72 18.02 8.93
CA LEU A 483 -32.54 16.85 8.55
C LEU A 483 -33.93 17.31 8.06
N ALA A 484 -34.59 18.21 8.77
CA ALA A 484 -35.97 18.62 8.43
C ALA A 484 -35.97 19.20 7.01
N LYS A 485 -35.01 20.04 6.67
CA LYS A 485 -34.91 20.67 5.34
C LYS A 485 -34.77 19.57 4.27
N GLN A 486 -33.91 18.58 4.53
CA GLN A 486 -33.62 17.52 3.53
C GLN A 486 -34.83 16.60 3.35
N LYS A 487 -35.71 16.51 4.34
CA LYS A 487 -36.93 15.69 4.24
C LYS A 487 -38.00 16.40 3.42
N GLU A 488 -37.91 17.72 3.24
CA GLU A 488 -38.98 18.56 2.59
C GLU A 488 -38.50 19.17 1.30
N THR A 489 -37.35 18.73 0.79
CA THR A 489 -36.85 19.15 -0.53
C THR A 489 -36.86 17.90 -1.42
N ALA A 490 -37.00 18.05 -2.73
CA ALA A 490 -37.22 16.90 -3.65
C ALA A 490 -35.98 15.99 -3.62
N ARG A 491 -34.81 16.60 -3.57
CA ARG A 491 -33.49 15.90 -3.68
C ARG A 491 -32.63 16.33 -2.50
N SER A 492 -32.03 15.37 -1.81
CA SER A 492 -31.27 15.69 -0.59
C SER A 492 -30.34 14.54 -0.25
N HIS A 493 -29.32 14.80 0.56
CA HIS A 493 -28.41 13.72 1.03
C HIS A 493 -29.24 12.69 1.77
N PHE A 494 -30.20 13.11 2.59
CA PHE A 494 -30.97 12.16 3.42
C PHE A 494 -31.87 11.29 2.52
N LYS A 495 -32.52 11.88 1.53
CA LYS A 495 -33.39 11.11 0.60
C LYS A 495 -32.53 10.10 -0.18
N ASN A 496 -31.31 10.47 -0.56
CA ASN A 496 -30.36 9.52 -1.21
C ASN A 496 -30.02 8.40 -0.22
N TYR A 497 -29.73 8.75 1.04
CA TYR A 497 -29.39 7.79 2.10
C TYR A 497 -30.52 6.76 2.20
N GLN A 498 -31.76 7.27 2.24
CA GLN A 498 -32.95 6.40 2.39
C GLN A 498 -33.05 5.45 1.18
N ALA A 499 -32.86 5.97 -0.03
CA ALA A 499 -32.95 5.15 -1.26
C ALA A 499 -31.86 4.06 -1.23
N LEU A 500 -30.70 4.38 -0.67
CA LEU A 500 -29.56 3.42 -0.64
C LEU A 500 -29.80 2.34 0.42
N THR A 501 -30.29 2.67 1.61
CA THR A 501 -30.57 1.63 2.65
C THR A 501 -31.71 0.75 2.13
N LYS A 502 -32.71 1.32 1.46
CA LYS A 502 -33.79 0.53 0.80
C LYS A 502 -33.18 -0.43 -0.23
N LEU A 503 -32.23 0.04 -1.03
CA LEU A 503 -31.61 -0.78 -2.11
C LEU A 503 -30.95 -2.02 -1.49
N ARG A 504 -30.45 -1.92 -0.25
CA ARG A 504 -29.69 -3.03 0.38
C ARG A 504 -30.61 -4.23 0.66
N LYS A 505 -31.93 -4.07 0.59
CA LYS A 505 -32.86 -5.22 0.71
C LYS A 505 -32.76 -6.13 -0.53
N GLN A 506 -32.25 -5.62 -1.65
CA GLN A 506 -32.20 -6.38 -2.92
C GLN A 506 -31.15 -7.49 -2.82
N ALA A 507 -31.47 -8.67 -3.36
CA ALA A 507 -30.54 -9.82 -3.36
C ALA A 507 -29.22 -9.42 -4.02
N THR A 508 -29.25 -8.54 -5.02
CA THR A 508 -28.01 -8.14 -5.74
C THR A 508 -27.03 -7.53 -4.73
N LEU A 509 -27.50 -6.82 -3.71
CA LEU A 509 -26.58 -6.15 -2.75
C LEU A 509 -26.26 -7.10 -1.60
N SER A 510 -27.19 -7.92 -1.16
CA SER A 510 -26.94 -8.85 -0.02
C SER A 510 -26.05 -10.01 -0.46
N HIS A 511 -26.18 -10.47 -1.72
CA HIS A 511 -25.61 -11.77 -2.18
C HIS A 511 -24.80 -11.63 -3.48
N GLY A 512 -24.82 -10.46 -4.12
CA GLY A 512 -24.21 -10.30 -5.45
C GLY A 512 -22.69 -10.25 -5.40
N GLU A 513 -22.07 -10.57 -6.52
CA GLU A 513 -20.63 -10.37 -6.79
C GLU A 513 -20.35 -8.86 -6.77
N TYR A 514 -19.08 -8.51 -6.72
CA TYR A 514 -18.62 -7.10 -6.91
C TYR A 514 -17.54 -7.11 -8.00
N ASP A 515 -17.54 -6.04 -8.78
CA ASP A 515 -16.46 -5.73 -9.74
C ASP A 515 -16.14 -4.25 -9.57
N ILE A 516 -14.88 -3.92 -9.39
CA ILE A 516 -14.48 -2.52 -9.14
C ILE A 516 -13.20 -2.23 -9.93
N ARG A 517 -13.20 -1.09 -10.63
CA ARG A 517 -12.06 -0.63 -11.44
C ARG A 517 -12.20 0.85 -11.71
N ALA A 518 -11.06 1.53 -11.87
CA ALA A 518 -11.00 2.93 -12.32
C ALA A 518 -11.18 2.96 -13.84
N LEU A 519 -12.01 3.89 -14.32
CA LEU A 519 -12.18 4.18 -15.77
C LEU A 519 -11.14 5.18 -16.22
N SER A 520 -10.64 5.99 -15.30
CA SER A 520 -9.68 7.09 -15.51
C SER A 520 -9.07 7.45 -14.15
N ASP A 521 -8.22 8.49 -14.09
CA ASP A 521 -7.72 9.03 -12.80
C ASP A 521 -8.90 9.68 -12.05
N ARG A 522 -9.99 9.99 -12.74
CA ARG A 522 -11.07 10.83 -12.14
C ARG A 522 -12.29 9.98 -11.74
N THR A 523 -12.57 8.91 -12.47
CA THR A 523 -13.84 8.16 -12.31
C THR A 523 -13.58 6.67 -12.10
N PHE A 524 -14.30 6.06 -11.17
CA PHE A 524 -14.33 4.58 -11.04
C PHE A 524 -15.77 4.09 -11.08
N TYR A 525 -15.89 2.76 -11.27
CA TYR A 525 -17.18 2.04 -11.20
C TYR A 525 -17.10 0.98 -10.11
N LEU A 526 -18.27 0.65 -9.55
CA LEU A 526 -18.51 -0.50 -8.67
C LEU A 526 -19.81 -1.15 -9.16
N VAL A 527 -19.72 -2.40 -9.56
CA VAL A 527 -20.87 -3.17 -10.08
C VAL A 527 -21.19 -4.28 -9.09
N ARG A 528 -22.46 -4.39 -8.72
CA ARG A 528 -23.02 -5.55 -8.00
C ARG A 528 -23.89 -6.27 -9.00
N SER A 529 -23.69 -7.58 -9.13
CA SER A 529 -24.38 -8.45 -10.12
C SER A 529 -24.69 -9.80 -9.50
N LEU A 530 -25.76 -10.44 -9.99
CA LEU A 530 -26.24 -11.72 -9.47
C LEU A 530 -27.17 -12.28 -10.55
N PRO A 531 -26.87 -13.46 -11.13
CA PRO A 531 -27.65 -13.96 -12.26
C PRO A 531 -29.16 -13.91 -11.95
N THR A 532 -29.92 -13.36 -12.91
CA THR A 532 -31.40 -13.26 -12.92
C THR A 532 -31.91 -12.11 -12.06
N HIS A 533 -31.03 -11.41 -11.33
CA HIS A 533 -31.41 -10.24 -10.50
C HIS A 533 -30.83 -8.95 -11.11
N ASP A 534 -31.47 -7.81 -10.88
CA ASP A 534 -31.03 -6.56 -11.54
C ASP A 534 -29.56 -6.26 -11.17
N THR A 535 -28.86 -5.66 -12.12
CA THR A 535 -27.47 -5.19 -11.94
C THR A 535 -27.53 -3.75 -11.39
N TYR A 536 -26.64 -3.42 -10.45
CA TYR A 536 -26.53 -2.05 -9.90
C TYR A 536 -25.09 -1.58 -10.07
N VAL A 537 -24.94 -0.39 -10.62
CA VAL A 537 -23.63 0.19 -11.00
C VAL A 537 -23.48 1.56 -10.36
N LEU A 538 -22.44 1.74 -9.53
CA LEU A 538 -21.98 3.09 -9.13
C LEU A 538 -20.97 3.60 -10.16
N LEU A 539 -21.14 4.83 -10.60
CA LEU A 539 -20.14 5.62 -11.34
C LEU A 539 -19.88 6.88 -10.52
N PHE A 540 -18.62 7.14 -10.22
CA PHE A 540 -18.25 8.25 -9.32
C PHE A 540 -17.02 8.96 -9.85
N ASN A 541 -17.22 10.22 -10.23
CA ASN A 541 -16.12 11.17 -10.51
C ASN A 541 -15.69 11.79 -9.18
N VAL A 542 -14.58 11.30 -8.61
CA VAL A 542 -14.07 11.76 -7.29
C VAL A 542 -13.21 13.02 -7.47
N SER A 543 -13.00 13.48 -8.70
CA SER A 543 -12.06 14.58 -9.02
C SER A 543 -12.79 15.92 -9.00
N GLU A 544 -12.05 17.01 -9.18
CA GLU A 544 -12.57 18.40 -9.20
C GLU A 544 -12.84 18.84 -10.64
N ARG A 545 -12.72 17.95 -11.63
CA ARG A 545 -12.94 18.31 -13.05
C ARG A 545 -13.94 17.36 -13.70
N ARG A 546 -14.65 17.85 -14.71
CA ARG A 546 -15.50 17.01 -15.58
C ARG A 546 -14.67 15.86 -16.16
N ASP A 547 -15.29 14.70 -16.34
CA ASP A 547 -14.66 13.49 -16.94
C ASP A 547 -15.67 12.82 -17.87
N THR A 548 -15.23 12.35 -19.03
CA THR A 548 -16.10 11.65 -19.99
C THR A 548 -15.59 10.22 -20.09
N VAL A 549 -16.47 9.25 -19.84
CA VAL A 549 -16.03 7.83 -19.79
C VAL A 549 -16.80 7.04 -20.82
N ASP A 550 -16.21 5.93 -21.24
CA ASP A 550 -16.84 4.93 -22.13
C ASP A 550 -17.51 3.86 -21.26
N LEU A 551 -18.85 3.87 -21.20
CA LEU A 551 -19.60 2.88 -20.38
C LEU A 551 -19.47 1.46 -20.95
N GLY A 552 -19.02 1.32 -22.21
CA GLY A 552 -18.66 0.01 -22.78
C GLY A 552 -17.55 -0.67 -21.99
N ARG A 553 -16.77 0.09 -21.23
CA ARG A 553 -15.70 -0.49 -20.36
C ARG A 553 -16.27 -1.13 -19.09
N VAL A 554 -17.52 -0.88 -18.73
CA VAL A 554 -18.09 -1.35 -17.43
C VAL A 554 -18.66 -2.75 -17.62
N PRO A 555 -18.18 -3.77 -16.89
CA PRO A 555 -18.74 -5.12 -17.02
C PRO A 555 -20.20 -5.14 -16.56
N HIS A 556 -21.01 -5.97 -17.20
CA HIS A 556 -22.42 -6.27 -16.82
C HIS A 556 -23.35 -5.06 -17.02
N LEU A 557 -22.92 -3.96 -17.64
CA LEU A 557 -23.78 -2.78 -17.86
C LEU A 557 -24.35 -2.84 -19.28
N THR A 558 -25.62 -3.17 -19.42
CA THR A 558 -26.34 -3.10 -20.72
C THR A 558 -27.14 -1.80 -20.72
N LEU A 559 -27.14 -1.08 -21.84
CA LEU A 559 -27.88 0.20 -22.00
C LEU A 559 -29.07 -0.10 -22.91
N PRO A 560 -30.21 0.62 -22.76
CA PRO A 560 -30.35 1.67 -21.76
C PRO A 560 -30.39 1.16 -20.30
N ALA A 561 -30.00 2.02 -19.37
CA ALA A 561 -30.07 1.76 -17.91
C ALA A 561 -30.77 2.96 -17.26
N THR A 562 -31.31 2.77 -16.07
CA THR A 562 -32.09 3.81 -15.36
C THR A 562 -31.31 4.35 -14.16
N VAL A 563 -31.31 5.65 -13.99
CA VAL A 563 -30.73 6.29 -12.77
C VAL A 563 -31.60 5.94 -11.56
N TYR A 564 -31.01 5.29 -10.56
CA TYR A 564 -31.69 4.93 -9.30
C TYR A 564 -31.47 6.07 -8.30
N VAL A 565 -30.22 6.52 -8.16
CA VAL A 565 -29.80 7.65 -7.29
C VAL A 565 -28.79 8.50 -8.06
N SER A 566 -28.81 9.81 -7.89
CA SER A 566 -27.79 10.73 -8.41
C SER A 566 -27.42 11.71 -7.29
N SER A 567 -26.18 12.18 -7.30
CA SER A 567 -25.73 13.29 -6.44
C SER A 567 -26.74 14.43 -6.56
N ILE A 568 -26.92 15.19 -5.48
CA ILE A 568 -27.91 16.30 -5.48
C ILE A 568 -27.56 17.35 -6.54
N HIS A 569 -26.31 17.43 -7.03
CA HIS A 569 -25.90 18.45 -8.04
C HIS A 569 -25.90 17.88 -9.45
N SER A 570 -26.22 16.60 -9.62
CA SER A 570 -26.29 15.93 -10.93
C SER A 570 -27.40 16.60 -11.76
N ALA A 571 -27.19 16.68 -13.07
CA ALA A 571 -28.21 17.04 -14.09
C ALA A 571 -29.20 15.88 -14.25
N ARG A 572 -28.81 14.65 -13.86
CA ARG A 572 -29.67 13.45 -14.03
C ARG A 572 -30.53 13.24 -12.79
N LEU A 573 -31.83 13.11 -13.00
CA LEU A 573 -32.80 12.81 -11.94
C LEU A 573 -33.02 11.30 -11.89
N ALA A 574 -33.44 10.81 -10.74
CA ALA A 574 -33.93 9.43 -10.55
C ALA A 574 -35.00 9.17 -11.62
N GLY A 575 -34.88 8.05 -12.33
CA GLY A 575 -35.78 7.70 -13.46
C GLY A 575 -35.23 8.13 -14.82
N HIS A 576 -34.20 8.99 -14.88
CA HIS A 576 -33.50 9.36 -16.14
C HIS A 576 -32.93 8.10 -16.79
N GLU A 577 -33.06 7.96 -18.10
CA GLU A 577 -32.50 6.81 -18.87
C GLU A 577 -31.14 7.21 -19.45
N ILE A 578 -30.10 6.44 -19.11
CA ILE A 578 -28.77 6.55 -19.74
C ILE A 578 -28.80 5.66 -20.99
N THR A 579 -28.69 6.27 -22.17
CA THR A 579 -28.85 5.59 -23.49
C THR A 579 -27.52 5.61 -24.27
N SER A 580 -26.67 6.62 -24.11
CA SER A 580 -25.38 6.69 -24.83
C SER A 580 -24.28 6.01 -24.00
N SER A 581 -23.34 5.34 -24.66
CA SER A 581 -22.15 4.71 -24.04
C SER A 581 -21.15 5.79 -23.59
N GLN A 582 -21.23 7.02 -24.11
CA GLN A 582 -20.36 8.14 -23.70
C GLN A 582 -21.06 8.91 -22.57
N LEU A 583 -20.44 9.02 -21.41
CA LEU A 583 -21.09 9.66 -20.23
C LEU A 583 -20.13 10.70 -19.65
N SER A 584 -20.56 11.96 -19.60
CA SER A 584 -19.83 13.05 -18.95
C SER A 584 -20.34 13.21 -17.52
N LEU A 585 -19.44 13.05 -16.54
CA LEU A 585 -19.75 13.27 -15.12
C LEU A 585 -19.07 14.55 -14.67
N GLU A 586 -19.81 15.42 -14.01
CA GLU A 586 -19.25 16.64 -13.40
C GLU A 586 -18.42 16.25 -12.16
N ALA A 587 -17.60 17.19 -11.70
CA ALA A 587 -16.82 17.04 -10.46
C ALA A 587 -17.73 16.52 -9.34
N GLY A 588 -17.31 15.44 -8.67
CA GLY A 588 -18.04 14.88 -7.51
C GLY A 588 -19.27 14.09 -7.89
N GLU A 589 -19.63 14.04 -9.17
CA GLU A 589 -20.94 13.48 -9.56
C GLU A 589 -20.91 11.96 -9.41
N ALA A 590 -21.92 11.38 -8.76
CA ALA A 590 -22.10 9.93 -8.61
C ALA A 590 -23.49 9.55 -9.10
N LEU A 591 -23.57 8.45 -9.84
CA LEU A 591 -24.85 7.84 -10.27
C LEU A 591 -24.87 6.40 -9.79
N VAL A 592 -26.02 5.94 -9.31
CA VAL A 592 -26.33 4.49 -9.23
C VAL A 592 -27.27 4.17 -10.40
N LEU A 593 -26.84 3.28 -11.30
CA LEU A 593 -27.70 2.82 -12.42
C LEU A 593 -28.28 1.45 -12.10
N LYS A 594 -29.54 1.27 -12.47
CA LYS A 594 -30.26 -0.02 -12.46
C LYS A 594 -30.24 -0.55 -13.88
N ALA A 595 -29.71 -1.75 -14.06
CA ALA A 595 -29.53 -2.36 -15.38
C ALA A 595 -30.02 -3.80 -15.38
N GLN A 596 -30.18 -4.32 -16.59
CA GLN A 596 -30.58 -5.70 -16.91
C GLN A 596 -29.79 -6.69 -16.07
N PRO A 597 -30.45 -7.73 -15.54
CA PRO A 597 -29.75 -8.85 -14.93
C PRO A 597 -28.74 -9.49 -15.87
N ILE A 598 -27.64 -9.95 -15.28
CA ILE A 598 -26.70 -10.85 -15.99
C ILE A 598 -27.36 -12.23 -16.02
N PRO B 30 -14.46 -26.46 -31.01
CA PRO B 30 -13.00 -26.44 -31.25
C PRO B 30 -12.36 -25.15 -30.72
N PRO B 31 -11.02 -25.10 -30.51
CA PRO B 31 -10.38 -23.89 -29.97
C PRO B 31 -10.43 -22.73 -30.97
N THR B 32 -10.88 -21.55 -30.53
CA THR B 32 -10.93 -20.29 -31.32
C THR B 32 -9.53 -19.93 -31.83
N GLU B 33 -9.47 -19.42 -33.07
CA GLU B 33 -8.33 -18.68 -33.66
C GLU B 33 -8.09 -17.43 -32.80
N VAL B 34 -6.84 -17.09 -32.52
CA VAL B 34 -6.47 -15.81 -31.86
C VAL B 34 -5.48 -15.06 -32.76
N ILE B 35 -5.50 -13.73 -32.71
CA ILE B 35 -4.55 -12.84 -33.46
C ILE B 35 -3.24 -12.81 -32.66
N GLN B 36 -2.07 -13.08 -33.26
CA GLN B 36 -0.77 -13.01 -32.53
C GLN B 36 -0.54 -11.55 -32.05
N LEU B 37 0.00 -11.38 -30.84
CA LEU B 37 0.29 -10.03 -30.29
C LEU B 37 1.60 -9.51 -30.89
N ASP B 38 1.74 -8.19 -30.99
CA ASP B 38 3.05 -7.54 -31.27
C ASP B 38 4.08 -8.11 -30.28
N TRP B 39 5.32 -8.30 -30.72
CA TRP B 39 6.37 -9.06 -29.99
C TRP B 39 6.55 -8.50 -28.57
N TRP B 40 6.47 -7.19 -28.42
CA TRP B 40 6.93 -6.52 -27.18
C TRP B 40 5.83 -6.57 -26.10
N LYS B 41 4.63 -7.02 -26.46
CA LYS B 41 3.46 -7.01 -25.55
C LYS B 41 3.46 -8.25 -24.65
N ASN B 42 4.19 -9.30 -25.04
CA ASN B 42 4.21 -10.55 -24.25
C ASN B 42 5.56 -11.26 -24.42
N CYS B 43 6.63 -10.51 -24.70
CA CYS B 43 7.99 -11.10 -24.75
C CYS B 43 8.39 -11.55 -23.34
N VAL B 44 9.16 -12.63 -23.29
CA VAL B 44 10.09 -12.91 -22.16
C VAL B 44 11.36 -12.12 -22.41
N LEU B 45 11.62 -11.14 -21.53
CA LEU B 45 12.73 -10.18 -21.66
C LEU B 45 13.78 -10.57 -20.62
N TYR B 46 15.00 -10.78 -21.05
CA TYR B 46 16.12 -11.21 -20.18
C TYR B 46 17.17 -10.12 -20.14
N GLN B 47 17.51 -9.70 -18.93
CA GLN B 47 18.60 -8.77 -18.67
C GLN B 47 19.93 -9.53 -18.58
N ILE B 48 20.83 -9.25 -19.50
CA ILE B 48 22.25 -9.67 -19.43
C ILE B 48 23.06 -8.60 -18.70
N TYR B 49 23.88 -9.00 -17.74
CA TYR B 49 24.92 -8.12 -17.17
C TYR B 49 26.22 -8.55 -17.82
N PRO B 50 26.66 -7.91 -18.93
CA PRO B 50 27.68 -8.52 -19.78
C PRO B 50 28.99 -8.82 -19.04
N ARG B 51 29.37 -8.00 -18.06
CA ARG B 51 30.64 -8.20 -17.31
C ARG B 51 30.63 -9.56 -16.60
N SER B 52 29.45 -10.13 -16.35
CA SER B 52 29.32 -11.31 -15.49
C SER B 52 28.69 -12.49 -16.22
N PHE B 53 28.40 -12.39 -17.53
CA PHE B 53 27.66 -13.46 -18.25
C PHE B 53 28.63 -14.53 -18.76
N LYS B 54 29.53 -14.19 -19.68
CA LYS B 54 30.50 -15.18 -20.22
C LYS B 54 31.79 -14.49 -20.67
N ASP B 55 32.88 -14.94 -20.07
CA ASP B 55 34.26 -14.48 -20.38
C ASP B 55 34.81 -15.43 -21.45
N SER B 56 35.06 -14.93 -22.64
CA SER B 56 35.54 -15.78 -23.76
C SER B 56 37.08 -15.79 -23.81
N ASP B 57 37.79 -14.91 -23.10
CA ASP B 57 39.25 -14.70 -23.32
C ASP B 57 40.10 -14.78 -22.04
N GLY B 58 39.52 -15.24 -20.92
CA GLY B 58 40.29 -15.61 -19.72
C GLY B 58 40.73 -14.42 -18.88
N ASP B 59 40.27 -13.20 -19.19
CA ASP B 59 40.62 -11.98 -18.40
C ASP B 59 39.69 -11.84 -17.18
N GLY B 60 38.75 -12.78 -16.98
CA GLY B 60 37.83 -12.80 -15.82
C GLY B 60 36.72 -11.76 -15.97
N ILE B 61 36.61 -11.17 -17.15
CA ILE B 61 35.62 -10.11 -17.50
C ILE B 61 34.74 -10.64 -18.61
N GLY B 62 33.43 -10.62 -18.40
CA GLY B 62 32.45 -11.06 -19.41
C GLY B 62 32.54 -10.16 -20.62
N ASP B 63 32.22 -10.68 -21.80
CA ASP B 63 32.47 -9.91 -23.05
C ASP B 63 31.45 -10.32 -24.12
N LEU B 64 31.48 -9.63 -25.24
CA LEU B 64 30.46 -9.78 -26.32
C LEU B 64 30.66 -11.14 -27.02
N LYS B 65 31.91 -11.57 -27.21
CA LYS B 65 32.17 -12.90 -27.83
C LYS B 65 31.60 -13.98 -26.91
N GLY B 66 31.66 -13.76 -25.59
CA GLY B 66 31.03 -14.66 -24.61
C GLY B 66 29.54 -14.73 -24.85
N ILE B 67 28.89 -13.57 -24.93
CA ILE B 67 27.42 -13.52 -25.21
C ILE B 67 27.13 -14.24 -26.54
N ILE B 68 27.84 -13.90 -27.59
CA ILE B 68 27.61 -14.52 -28.94
C ILE B 68 27.68 -16.03 -28.82
N SER B 69 28.67 -16.56 -28.09
CA SER B 69 28.91 -18.01 -27.90
C SER B 69 27.70 -18.68 -27.24
N GLU B 70 26.90 -17.93 -26.46
CA GLU B 70 25.79 -18.49 -25.67
C GLU B 70 24.44 -17.89 -26.09
N LEU B 71 24.32 -17.31 -27.28
CA LEU B 71 23.00 -16.84 -27.76
C LEU B 71 22.01 -18.02 -27.77
N LYS B 72 22.47 -19.23 -28.09
CA LYS B 72 21.63 -20.45 -28.08
C LYS B 72 20.98 -20.68 -26.70
N HIS B 73 21.59 -20.20 -25.61
CA HIS B 73 21.01 -20.29 -24.24
C HIS B 73 19.63 -19.62 -24.21
N PHE B 74 19.46 -18.49 -24.90
CA PHE B 74 18.18 -17.73 -24.87
C PHE B 74 17.10 -18.53 -25.59
N VAL B 75 17.47 -19.16 -26.71
CA VAL B 75 16.51 -20.01 -27.47
C VAL B 75 16.14 -21.20 -26.57
N ASP B 76 17.13 -21.81 -25.93
CA ASP B 76 16.92 -23.02 -25.07
C ASP B 76 15.99 -22.63 -23.94
N ALA B 77 16.15 -21.42 -23.39
CA ALA B 77 15.37 -20.96 -22.22
C ALA B 77 13.98 -20.50 -22.63
N GLY B 78 13.72 -20.25 -23.91
CA GLY B 78 12.45 -19.68 -24.39
C GLY B 78 12.37 -18.18 -24.15
N VAL B 79 13.52 -17.50 -24.10
CA VAL B 79 13.63 -16.01 -24.04
C VAL B 79 13.37 -15.43 -25.43
N ASP B 80 12.58 -14.36 -25.51
CA ASP B 80 12.23 -13.68 -26.80
C ASP B 80 13.17 -12.52 -27.07
N ALA B 81 13.64 -11.86 -26.01
CA ALA B 81 14.34 -10.56 -26.12
C ALA B 81 15.38 -10.46 -25.02
N ILE B 82 16.54 -9.92 -25.37
CA ILE B 82 17.61 -9.62 -24.39
C ILE B 82 17.82 -8.12 -24.33
N TRP B 83 18.12 -7.63 -23.14
CA TRP B 83 18.65 -6.27 -22.96
C TRP B 83 19.98 -6.38 -22.23
N MET B 84 20.95 -5.54 -22.58
CA MET B 84 22.28 -5.62 -21.96
C MET B 84 22.50 -4.38 -21.12
N SER B 85 23.00 -4.56 -19.89
CA SER B 85 23.55 -3.42 -19.13
C SER B 85 24.60 -2.78 -20.03
N PRO B 86 24.89 -1.47 -19.86
CA PRO B 86 25.61 -0.73 -20.90
C PRO B 86 26.98 -1.31 -21.31
N ILE B 87 27.18 -1.29 -22.62
CA ILE B 87 28.40 -1.85 -23.27
C ILE B 87 29.13 -0.75 -24.02
N PHE B 88 28.72 0.50 -23.85
CA PHE B 88 29.35 1.68 -24.50
C PHE B 88 30.68 1.99 -23.81
N GLU B 89 31.54 2.71 -24.52
CA GLU B 89 32.83 3.19 -23.97
C GLU B 89 32.57 3.86 -22.63
N SER B 90 33.36 3.48 -21.63
CA SER B 90 33.14 3.84 -20.21
C SER B 90 34.45 3.67 -19.45
N PRO B 91 34.84 4.64 -18.60
CA PRO B 91 35.93 4.43 -17.63
C PRO B 91 35.66 3.38 -16.54
N MET B 92 34.44 2.84 -16.44
CA MET B 92 34.05 1.75 -15.51
C MET B 92 33.99 2.22 -14.04
N VAL B 93 33.88 3.52 -13.77
CA VAL B 93 33.70 4.01 -12.39
C VAL B 93 32.41 3.39 -11.82
N ASP B 94 31.35 3.34 -12.64
CA ASP B 94 30.06 2.72 -12.28
C ASP B 94 29.77 1.59 -13.29
N PHE B 95 30.83 0.87 -13.67
CA PHE B 95 30.77 -0.37 -14.49
C PHE B 95 29.78 -0.21 -15.65
N GLY B 96 30.02 0.81 -16.47
CA GLY B 96 29.26 0.98 -17.72
C GLY B 96 28.31 2.16 -17.67
N TYR B 97 27.82 2.54 -16.48
CA TYR B 97 26.79 3.61 -16.37
C TYR B 97 27.46 4.99 -16.35
N ASP B 98 28.79 5.04 -16.42
CA ASP B 98 29.56 6.29 -16.67
C ASP B 98 30.09 6.24 -18.11
N ILE B 99 29.34 6.83 -19.05
CA ILE B 99 29.55 6.57 -20.51
C ILE B 99 30.38 7.73 -21.07
N SER B 100 31.51 7.43 -21.71
CA SER B 100 32.44 8.44 -22.26
C SER B 100 32.24 8.56 -23.78
N ASN B 101 31.62 7.57 -24.42
CA ASN B 101 31.28 7.65 -25.87
C ASN B 101 30.03 6.83 -26.10
N PHE B 102 28.92 7.48 -26.45
CA PHE B 102 27.61 6.83 -26.65
C PHE B 102 27.53 6.15 -28.00
N TYR B 103 28.61 6.16 -28.82
CA TYR B 103 28.58 5.67 -30.22
C TYR B 103 29.60 4.56 -30.44
N ASP B 104 30.22 4.02 -29.39
CA ASP B 104 31.15 2.89 -29.60
C ASP B 104 31.15 1.99 -28.36
N ILE B 105 31.82 0.85 -28.50
CA ILE B 105 31.79 -0.28 -27.54
C ILE B 105 33.02 -0.20 -26.62
N HIS B 106 32.81 -0.50 -25.34
CA HIS B 106 33.88 -0.61 -24.32
C HIS B 106 34.84 -1.72 -24.71
N TYR B 107 36.14 -1.42 -24.74
CA TYR B 107 37.17 -2.35 -25.25
C TYR B 107 37.19 -3.69 -24.48
N GLU B 108 36.94 -3.70 -23.17
CA GLU B 108 36.97 -4.98 -22.41
C GLU B 108 35.86 -5.91 -22.93
N TYR B 109 34.74 -5.36 -23.42
CA TYR B 109 33.62 -6.19 -23.89
C TYR B 109 33.85 -6.56 -25.35
N GLY B 110 34.49 -5.66 -26.09
CA GLY B 110 34.90 -5.95 -27.47
C GLY B 110 34.80 -4.74 -28.38
N THR B 111 34.43 -5.00 -29.62
CA THR B 111 34.44 -3.98 -30.70
C THR B 111 33.05 -3.79 -31.29
N MET B 112 32.90 -2.71 -32.03
CA MET B 112 31.68 -2.44 -32.85
C MET B 112 31.39 -3.67 -33.72
N GLU B 113 32.43 -4.30 -34.27
CA GLU B 113 32.28 -5.48 -35.17
C GLU B 113 31.67 -6.62 -34.36
N ASP B 114 32.08 -6.79 -33.10
CA ASP B 114 31.54 -7.85 -32.21
C ASP B 114 30.06 -7.59 -31.95
N PHE B 115 29.71 -6.32 -31.73
CA PHE B 115 28.32 -5.91 -31.50
C PHE B 115 27.47 -6.19 -32.75
N GLU B 116 27.95 -5.83 -33.95
CA GLU B 116 27.23 -6.08 -35.23
C GLU B 116 27.04 -7.61 -35.40
N GLU B 117 28.04 -8.41 -35.04
CA GLU B 117 27.97 -9.90 -35.11
C GLU B 117 26.90 -10.41 -34.13
N LEU B 118 26.93 -9.92 -32.89
CA LEU B 118 25.90 -10.24 -31.87
C LEU B 118 24.48 -9.96 -32.42
N LEU B 119 24.23 -8.77 -32.95
CA LEU B 119 22.90 -8.41 -33.50
C LEU B 119 22.53 -9.38 -34.61
N ASP B 120 23.46 -9.61 -35.54
CA ASP B 120 23.20 -10.47 -36.71
C ASP B 120 22.83 -11.88 -36.22
N LYS B 121 23.63 -12.47 -35.34
CA LYS B 121 23.42 -13.85 -34.87
C LYS B 121 22.14 -13.90 -34.01
N ALA B 122 21.90 -12.91 -33.15
CA ALA B 122 20.66 -12.89 -32.34
C ALA B 122 19.44 -12.84 -33.27
N HIS B 123 19.47 -11.97 -34.27
CA HIS B 123 18.34 -11.81 -35.22
C HIS B 123 18.12 -13.10 -36.03
N GLU B 124 19.21 -13.77 -36.41
CA GLU B 124 19.12 -15.07 -37.15
C GLU B 124 18.40 -16.12 -36.29
N LEU B 125 18.61 -16.09 -34.97
CA LEU B 125 17.98 -17.02 -34.00
C LEU B 125 16.57 -16.55 -33.61
N GLY B 126 16.12 -15.40 -34.12
CA GLY B 126 14.77 -14.88 -33.89
C GLY B 126 14.64 -14.13 -32.58
N LEU B 127 15.77 -13.75 -31.96
CA LEU B 127 15.80 -12.92 -30.73
C LEU B 127 15.72 -11.43 -31.08
N LYS B 128 15.13 -10.64 -30.20
CA LYS B 128 15.23 -9.17 -30.20
C LYS B 128 16.34 -8.74 -29.25
N VAL B 129 17.03 -7.65 -29.58
CA VAL B 129 18.15 -7.09 -28.78
C VAL B 129 17.85 -5.63 -28.48
N LEU B 130 17.83 -5.28 -27.20
CA LEU B 130 17.65 -3.88 -26.75
C LEU B 130 18.94 -3.41 -26.11
N LEU B 131 19.30 -2.15 -26.38
CA LEU B 131 20.47 -1.50 -25.75
C LEU B 131 19.97 -0.69 -24.57
N ASP B 132 20.73 -0.73 -23.49
CA ASP B 132 20.46 0.13 -22.32
C ASP B 132 21.49 1.25 -22.31
N PHE B 133 21.07 2.47 -22.03
CA PHE B 133 22.02 3.56 -21.68
C PHE B 133 21.27 4.51 -20.76
N VAL B 134 22.03 5.37 -20.08
CA VAL B 134 21.50 6.32 -19.08
C VAL B 134 21.50 7.71 -19.71
N PRO B 135 20.32 8.28 -20.04
CA PRO B 135 20.27 9.64 -20.57
C PRO B 135 20.64 10.73 -19.57
N ASN B 136 20.53 10.46 -18.28
CA ASN B 136 20.66 11.47 -17.22
C ASN B 136 22.08 12.11 -17.23
N HIS B 137 23.11 11.33 -17.56
CA HIS B 137 24.50 11.80 -17.30
C HIS B 137 25.49 11.13 -18.22
N ALA B 138 26.64 11.78 -18.34
CA ALA B 138 27.82 11.32 -19.11
C ALA B 138 29.06 11.29 -18.20
N SER B 139 30.00 10.44 -18.56
CA SER B 139 31.36 10.43 -17.98
C SER B 139 31.96 11.83 -18.05
N ASN B 140 32.73 12.23 -17.04
CA ASN B 140 33.62 13.41 -17.09
C ASN B 140 34.74 13.18 -18.12
N GLU B 141 34.87 11.98 -18.72
CA GLU B 141 35.85 11.72 -19.80
C GLU B 141 35.17 11.78 -21.17
N SER B 142 33.86 12.01 -21.24
CA SER B 142 33.15 12.25 -22.53
C SER B 142 33.67 13.53 -23.19
N GLU B 143 33.70 13.55 -24.51
CA GLU B 143 33.95 14.77 -25.32
C GLU B 143 32.90 15.82 -24.92
N TYR B 144 31.65 15.42 -24.65
CA TYR B 144 30.63 16.42 -24.25
C TYR B 144 31.17 17.20 -23.05
N PHE B 145 31.65 16.51 -22.02
CA PHE B 145 32.02 17.18 -20.74
C PHE B 145 33.31 17.97 -20.96
N ILE B 146 34.27 17.38 -21.63
CA ILE B 146 35.56 18.07 -21.91
C ILE B 146 35.27 19.40 -22.63
N LYS B 147 34.41 19.38 -23.65
CA LYS B 147 34.06 20.61 -24.42
C LYS B 147 33.29 21.58 -23.51
N SER B 148 32.39 21.06 -22.68
CA SER B 148 31.56 21.89 -21.78
C SER B 148 32.43 22.60 -20.75
N GLU B 149 33.36 21.88 -20.10
CA GLU B 149 34.24 22.47 -19.07
C GLU B 149 35.12 23.57 -19.70
N ALA B 150 35.42 23.46 -20.99
CA ALA B 150 36.25 24.42 -21.76
C ALA B 150 35.36 25.55 -22.31
N ARG B 151 34.08 25.55 -21.94
CA ARG B 151 33.07 26.51 -22.46
C ARG B 151 33.14 26.59 -23.99
N GLU B 152 33.32 25.46 -24.68
CA GLU B 152 33.34 25.44 -26.17
C GLU B 152 31.93 25.75 -26.69
N PRO B 153 31.83 26.49 -27.82
CA PRO B 153 30.55 26.76 -28.47
C PRO B 153 29.76 25.48 -28.68
N GLY B 154 28.49 25.48 -28.25
CA GLY B 154 27.57 24.33 -28.43
C GLY B 154 27.56 23.41 -27.20
N TYR B 155 28.52 23.55 -26.29
CA TYR B 155 28.68 22.62 -25.13
C TYR B 155 28.71 23.35 -23.80
N GLU B 156 28.89 24.67 -23.75
CA GLU B 156 29.06 25.39 -22.46
C GLU B 156 27.88 25.03 -21.55
N ASN B 157 26.66 24.91 -22.10
CA ASN B 157 25.43 24.71 -21.29
C ASN B 157 24.88 23.27 -21.46
N PHE B 158 25.73 22.29 -21.78
CA PHE B 158 25.31 20.88 -22.00
C PHE B 158 25.03 20.22 -20.66
N PHE B 159 25.65 20.72 -19.60
CA PHE B 159 25.55 20.18 -18.22
C PHE B 159 25.03 21.28 -17.32
N ILE B 160 24.68 20.94 -16.09
CA ILE B 160 24.22 21.92 -15.08
C ILE B 160 25.45 22.49 -14.38
N TRP B 161 25.75 23.75 -14.69
CA TRP B 161 26.87 24.53 -14.14
C TRP B 161 26.31 25.66 -13.29
N ALA B 162 26.86 25.89 -12.11
CA ALA B 162 26.31 26.86 -11.15
C ALA B 162 27.44 27.57 -10.39
N ASP B 163 27.23 28.85 -10.11
CA ASP B 163 28.14 29.62 -9.25
C ASP B 163 27.97 29.20 -7.79
N PRO B 164 29.01 29.40 -6.96
CA PRO B 164 28.88 29.23 -5.53
C PRO B 164 27.72 30.10 -5.04
N LEU B 165 27.05 29.63 -3.98
CA LEU B 165 26.04 30.44 -3.26
C LEU B 165 26.80 31.57 -2.58
N PRO B 166 26.37 32.85 -2.78
CA PRO B 166 27.02 33.97 -2.12
C PRO B 166 27.09 33.71 -0.61
N ASN B 167 28.26 33.95 -0.01
CA ASN B 167 28.50 33.78 1.45
C ASN B 167 28.89 35.13 2.02
N PRO B 168 27.96 36.10 2.09
CA PRO B 168 28.29 37.49 2.46
C PRO B 168 28.95 37.54 3.85
N GLU B 169 28.58 36.59 4.71
CA GLU B 169 29.12 36.43 6.09
C GLU B 169 30.62 36.09 6.04
N ASN B 170 31.01 34.95 5.45
CA ASN B 170 32.44 34.53 5.29
C ASN B 170 32.85 34.61 3.83
N PRO B 171 33.09 35.81 3.26
CA PRO B 171 33.33 35.94 1.83
C PRO B 171 34.45 35.00 1.31
N GLY B 172 35.27 34.43 2.21
CA GLY B 172 36.41 33.56 1.86
C GLY B 172 36.08 32.07 1.89
N VAL B 173 34.90 31.69 2.38
CA VAL B 173 34.43 30.27 2.42
C VAL B 173 33.45 30.05 1.25
N ARG B 174 33.83 29.21 0.29
CA ARG B 174 33.01 28.86 -0.90
C ARG B 174 31.90 27.91 -0.46
N LEU B 175 30.66 28.21 -0.84
CA LEU B 175 29.46 27.39 -0.53
C LEU B 175 28.93 26.79 -1.82
N PRO B 176 28.49 25.51 -1.83
CA PRO B 176 27.88 24.95 -3.03
C PRO B 176 26.53 25.59 -3.29
N PRO B 177 26.00 25.44 -4.52
CA PRO B 177 24.78 26.13 -4.93
C PRO B 177 23.57 25.80 -4.05
N SER B 178 23.55 24.58 -3.51
CA SER B 178 22.46 24.07 -2.65
C SER B 178 22.97 22.85 -1.88
N ASN B 179 22.10 22.32 -1.01
CA ASN B 179 22.43 21.18 -0.10
C ASN B 179 22.23 19.82 -0.79
N TRP B 180 22.02 19.79 -2.09
CA TRP B 180 21.64 18.53 -2.80
C TRP B 180 22.68 17.45 -2.55
N VAL B 181 22.20 16.23 -2.29
CA VAL B 181 23.04 15.05 -1.94
C VAL B 181 22.99 14.08 -3.12
N SER B 182 24.16 13.58 -3.49
CA SER B 182 24.40 12.49 -4.49
C SER B 182 23.83 11.17 -3.99
N GLN B 183 23.29 10.39 -4.92
CA GLN B 183 22.83 9.00 -4.67
C GLN B 183 23.98 8.13 -4.16
N PHE B 184 25.24 8.48 -4.44
CA PHE B 184 26.44 7.72 -4.00
C PHE B 184 27.13 8.44 -2.83
N GLY B 185 26.42 9.33 -2.15
CA GLY B 185 26.97 10.02 -0.96
C GLY B 185 27.76 11.26 -1.33
N GLY B 186 27.86 12.17 -0.38
CA GLY B 186 28.49 13.48 -0.54
C GLY B 186 27.61 14.47 -1.29
N SER B 187 28.10 15.69 -1.45
CA SER B 187 27.41 16.75 -2.23
C SER B 187 27.19 16.30 -3.66
N ALA B 188 26.05 16.69 -4.24
CA ALA B 188 25.74 16.51 -5.67
C ALA B 188 26.41 17.61 -6.51
N TRP B 189 27.22 18.49 -5.89
CA TRP B 189 27.91 19.57 -6.61
C TRP B 189 29.42 19.38 -6.51
N GLU B 190 30.10 19.39 -7.65
CA GLU B 190 31.58 19.26 -7.73
C GLU B 190 32.18 20.55 -8.29
N TRP B 191 33.13 21.14 -7.57
CA TRP B 191 33.88 22.35 -8.02
C TRP B 191 34.81 22.01 -9.18
N SER B 192 34.73 22.79 -10.26
CA SER B 192 35.67 22.80 -11.40
C SER B 192 36.61 24.01 -11.27
N GLU B 193 37.87 23.78 -10.93
CA GLU B 193 38.89 24.88 -10.94
C GLU B 193 38.95 25.50 -12.34
N LYS B 194 38.83 24.71 -13.40
CA LYS B 194 38.97 25.20 -14.79
C LYS B 194 37.86 26.21 -15.07
N ARG B 195 36.62 25.85 -14.77
CA ARG B 195 35.47 26.68 -15.13
C ARG B 195 35.12 27.70 -14.02
N GLN B 196 35.62 27.51 -12.81
CA GLN B 196 35.33 28.33 -11.59
C GLN B 196 33.82 28.29 -11.37
N GLN B 197 33.25 27.10 -11.55
CA GLN B 197 31.83 26.82 -11.26
C GLN B 197 31.70 25.39 -10.75
N TYR B 198 30.57 25.10 -10.10
CA TYR B 198 30.17 23.72 -9.74
C TYR B 198 29.42 23.07 -10.91
N TYR B 199 29.60 21.76 -11.08
CA TYR B 199 28.69 20.96 -11.93
C TYR B 199 27.89 20.00 -11.05
N LEU B 200 26.71 19.67 -11.53
CA LEU B 200 25.78 18.73 -10.84
C LEU B 200 26.15 17.29 -11.19
N HIS B 201 26.15 16.44 -10.17
CA HIS B 201 26.21 14.97 -10.33
C HIS B 201 25.28 14.34 -9.30
N GLN B 202 24.13 13.84 -9.75
CA GLN B 202 23.21 13.09 -8.87
C GLN B 202 23.84 11.73 -8.56
N PHE B 203 24.73 11.22 -9.42
CA PHE B 203 25.44 9.94 -9.17
C PHE B 203 26.89 10.26 -8.80
N ALA B 204 27.86 9.53 -9.32
CA ALA B 204 29.28 9.68 -8.90
C ALA B 204 29.76 11.06 -9.33
N ILE B 205 30.85 11.53 -8.72
CA ILE B 205 31.56 12.75 -9.21
C ILE B 205 31.79 12.66 -10.72
N GLN B 206 32.08 11.47 -11.25
CA GLN B 206 32.50 11.27 -12.66
C GLN B 206 31.28 11.17 -13.58
N GLN B 207 30.07 11.15 -13.03
CA GLN B 207 28.80 11.09 -13.81
C GLN B 207 28.13 12.47 -13.79
N VAL B 208 28.25 13.21 -14.89
CA VAL B 208 27.86 14.65 -14.91
C VAL B 208 26.46 14.77 -15.50
N ASP B 209 25.54 15.42 -14.77
CA ASP B 209 24.12 15.56 -15.18
C ASP B 209 24.00 16.49 -16.40
N PHE B 210 23.41 15.99 -17.49
CA PHE B 210 23.07 16.85 -18.66
C PHE B 210 22.02 17.86 -18.26
N ASP B 211 21.99 19.00 -18.94
CA ASP B 211 20.86 19.97 -18.79
C ASP B 211 19.75 19.57 -19.77
N PHE B 212 18.67 18.96 -19.27
CA PHE B 212 17.56 18.47 -20.11
C PHE B 212 16.58 19.59 -20.49
N ARG B 213 16.89 20.84 -20.15
CA ARG B 213 16.15 22.01 -20.72
C ARG B 213 16.91 22.53 -21.95
N ASN B 214 18.06 21.95 -22.28
CA ASN B 214 18.88 22.33 -23.45
C ASN B 214 18.38 21.59 -24.68
N PRO B 215 17.80 22.26 -25.71
CA PRO B 215 17.36 21.55 -26.90
C PRO B 215 18.48 20.76 -27.59
N ALA B 216 19.74 21.19 -27.45
CA ALA B 216 20.89 20.49 -28.07
C ALA B 216 21.16 19.18 -27.32
N VAL B 217 20.93 19.14 -26.01
CA VAL B 217 21.05 17.86 -25.24
C VAL B 217 19.94 16.92 -25.73
N LYS B 218 18.71 17.42 -25.85
CA LYS B 218 17.57 16.59 -26.30
C LYS B 218 17.82 16.09 -27.72
N GLN B 219 18.35 16.93 -28.62
CA GLN B 219 18.66 16.47 -30.00
C GLN B 219 19.76 15.40 -29.95
N GLU B 220 20.76 15.56 -29.08
CA GLU B 220 21.87 14.58 -29.01
C GLU B 220 21.27 13.22 -28.59
N MET B 221 20.25 13.19 -27.74
CA MET B 221 19.66 11.88 -27.33
C MET B 221 18.95 11.27 -28.53
N PHE B 222 18.28 12.07 -29.35
CA PHE B 222 17.68 11.51 -30.60
C PHE B 222 18.80 10.95 -31.49
N ASN B 223 19.92 11.67 -31.60
CA ASN B 223 21.05 11.28 -32.48
C ASN B 223 21.62 9.93 -32.03
N ILE B 224 21.77 9.74 -30.72
CA ILE B 224 22.28 8.46 -30.15
C ILE B 224 21.29 7.34 -30.51
N MET B 225 20.01 7.54 -30.25
CA MET B 225 19.01 6.48 -30.52
C MET B 225 18.99 6.20 -32.03
N LYS B 226 18.98 7.21 -32.88
CA LYS B 226 18.94 6.93 -34.34
C LYS B 226 20.13 6.08 -34.75
N PHE B 227 21.31 6.39 -34.22
CA PHE B 227 22.58 5.71 -34.61
C PHE B 227 22.41 4.22 -34.34
N TRP B 228 21.95 3.87 -33.12
CA TRP B 228 21.84 2.44 -32.73
C TRP B 228 20.63 1.77 -33.39
N LEU B 229 19.52 2.48 -33.60
CA LEU B 229 18.38 1.89 -34.36
C LEU B 229 18.85 1.59 -35.77
N ASP B 230 19.60 2.51 -36.36
CA ASP B 230 20.12 2.31 -37.75
C ASP B 230 21.01 1.05 -37.79
N LYS B 231 21.80 0.79 -36.75
CA LYS B 231 22.63 -0.45 -36.64
C LYS B 231 21.73 -1.69 -36.59
N GLY B 232 20.49 -1.58 -36.10
CA GLY B 232 19.51 -2.68 -36.07
C GLY B 232 19.03 -3.05 -34.67
N ALA B 233 19.36 -2.26 -33.64
CA ALA B 233 18.79 -2.47 -32.28
C ALA B 233 17.26 -2.46 -32.37
N ASP B 234 16.61 -3.30 -31.57
CA ASP B 234 15.13 -3.45 -31.54
C ASP B 234 14.49 -2.49 -30.53
N GLY B 235 15.30 -1.74 -29.80
CA GLY B 235 14.76 -0.80 -28.81
C GLY B 235 15.78 -0.45 -27.75
N PHE B 236 15.33 0.34 -26.78
CA PHE B 236 16.19 0.87 -25.70
C PHE B 236 15.53 0.65 -24.35
N ARG B 237 16.36 0.46 -23.34
CA ARG B 237 15.96 0.69 -21.94
C ARG B 237 16.73 1.92 -21.49
N LEU B 238 16.06 2.87 -20.86
CA LEU B 238 16.69 4.14 -20.45
C LEU B 238 16.64 4.29 -18.93
N ASP B 239 17.80 4.52 -18.32
CA ASP B 239 18.02 4.52 -16.86
C ASP B 239 17.83 5.90 -16.21
N ALA B 240 17.51 5.86 -14.92
CA ALA B 240 17.65 6.98 -13.96
C ALA B 240 16.75 8.15 -14.35
N LEU B 241 15.61 7.90 -14.99
CA LEU B 241 14.77 9.01 -15.52
C LEU B 241 14.21 9.89 -14.42
N PRO B 242 13.90 9.42 -13.18
CA PRO B 242 13.36 10.34 -12.17
C PRO B 242 14.30 11.53 -11.91
N TYR B 243 15.61 11.39 -12.23
CA TYR B 243 16.64 12.41 -11.92
C TYR B 243 16.88 13.34 -13.11
N LEU B 244 16.13 13.25 -14.22
CA LEU B 244 16.47 14.05 -15.44
C LEU B 244 16.53 15.53 -15.08
N ILE B 245 15.44 16.06 -14.54
CA ILE B 245 15.27 17.53 -14.39
C ILE B 245 15.29 17.91 -12.92
N GLU B 246 15.97 19.01 -12.62
CA GLU B 246 15.98 19.59 -11.27
C GLU B 246 15.36 21.00 -11.34
N ALA B 247 15.12 21.62 -10.19
CA ALA B 247 14.50 22.95 -10.12
C ALA B 247 15.32 23.94 -10.96
N ASP B 248 14.60 24.79 -11.67
CA ASP B 248 15.17 25.94 -12.42
C ASP B 248 15.36 27.07 -11.42
N PRO B 249 16.58 27.64 -11.27
CA PRO B 249 16.78 28.82 -10.42
C PRO B 249 15.87 29.99 -10.77
N ALA B 250 15.37 30.08 -12.01
CA ALA B 250 14.40 31.13 -12.44
C ALA B 250 13.16 31.09 -11.54
N ASP B 251 12.83 29.93 -10.99
CA ASP B 251 11.63 29.73 -10.14
C ASP B 251 11.96 29.96 -8.66
N HIS B 252 13.21 30.26 -8.31
CA HIS B 252 13.66 30.32 -6.91
C HIS B 252 14.53 31.54 -6.68
N GLU B 253 14.18 32.66 -7.32
CA GLU B 253 14.85 33.99 -7.15
C GLU B 253 16.33 33.89 -7.50
N GLY B 254 16.67 33.12 -8.54
CA GLY B 254 18.02 33.06 -9.12
C GLY B 254 18.99 32.18 -8.36
N ARG B 255 18.53 31.29 -7.46
CA ARG B 255 19.40 30.26 -6.88
C ARG B 255 18.76 28.88 -7.03
N TYR B 256 19.60 27.85 -6.95
CA TYR B 256 19.15 26.43 -6.83
C TYR B 256 18.59 26.28 -5.42
N PRO B 257 17.31 25.88 -5.27
CA PRO B 257 16.70 25.80 -3.94
C PRO B 257 17.22 24.57 -3.18
N ASP B 258 17.40 24.72 -1.87
CA ASP B 258 17.74 23.57 -1.00
C ASP B 258 16.62 22.54 -1.07
N ASP B 259 16.98 21.26 -1.11
CA ASP B 259 15.98 20.20 -0.89
C ASP B 259 15.55 20.28 0.56
N PRO B 260 14.28 20.02 0.88
CA PRO B 260 13.86 19.94 2.28
C PRO B 260 14.67 18.90 3.06
N LEU B 261 14.82 19.11 4.37
CA LEU B 261 15.53 18.14 5.25
C LEU B 261 14.58 17.02 5.67
N SER B 262 15.08 15.79 5.73
CA SER B 262 14.33 14.61 6.23
C SER B 262 14.09 14.78 7.73
N GLY B 263 15.03 15.41 8.42
CA GLY B 263 15.03 15.57 9.89
C GLY B 263 15.37 14.27 10.60
N LEU B 264 15.97 13.29 9.92
CA LEU B 264 16.37 12.02 10.57
C LEU B 264 17.74 12.21 11.24
N THR B 265 17.83 11.90 12.54
CA THR B 265 19.04 12.18 13.35
C THR B 265 20.24 11.33 12.85
N GLN B 266 20.01 10.24 12.11
CA GLN B 266 21.10 9.29 11.74
C GLN B 266 21.91 9.80 10.52
N PHE B 267 21.47 10.88 9.87
CA PHE B 267 22.15 11.36 8.64
C PHE B 267 22.68 12.77 8.83
N GLU B 268 23.95 12.99 8.46
CA GLU B 268 24.53 14.34 8.35
C GLU B 268 24.47 14.80 6.89
N SER B 269 24.90 16.03 6.64
CA SER B 269 24.69 16.75 5.35
C SER B 269 25.36 16.04 4.17
N HIS B 270 26.36 15.20 4.40
CA HIS B 270 27.06 14.46 3.31
C HIS B 270 26.43 13.08 3.07
N GLN B 271 25.31 12.72 3.71
CA GLN B 271 24.80 11.32 3.72
C GLN B 271 23.45 11.28 3.03
N LEU B 272 23.32 10.37 2.08
CA LEU B 272 22.03 10.15 1.41
C LEU B 272 20.98 9.81 2.47
N GLY B 273 19.87 10.53 2.46
CA GLY B 273 18.81 10.43 3.47
C GLY B 273 18.65 11.72 4.24
N TYR B 274 19.65 12.60 4.20
CA TYR B 274 19.62 13.92 4.86
C TYR B 274 18.51 14.78 4.26
N THR B 275 18.26 14.65 2.95
CA THR B 275 17.25 15.46 2.22
C THR B 275 16.10 14.59 1.72
N ILE B 276 15.01 15.26 1.42
CA ILE B 276 13.87 14.74 0.62
C ILE B 276 14.02 15.39 -0.75
N PRO B 277 14.07 14.61 -1.85
CA PRO B 277 14.44 15.15 -3.17
C PRO B 277 13.31 15.87 -3.93
N LEU B 278 12.69 16.85 -3.27
CA LEU B 278 11.54 17.61 -3.81
C LEU B 278 11.93 18.34 -5.09
N TYR B 279 13.13 18.92 -5.12
CA TYR B 279 13.57 19.76 -6.25
C TYR B 279 14.51 19.00 -7.17
N THR B 280 14.77 17.71 -6.92
CA THR B 280 15.83 16.96 -7.63
C THR B 280 15.32 15.66 -8.23
N LYS B 281 14.08 15.30 -8.00
CA LYS B 281 13.55 13.98 -8.46
C LYS B 281 12.05 14.08 -8.80
N ASP B 282 11.64 13.42 -9.86
CA ASP B 282 10.21 13.23 -10.21
C ASP B 282 9.60 14.58 -10.65
N LEU B 283 10.39 15.51 -11.18
CA LEU B 283 9.79 16.78 -11.68
C LEU B 283 8.92 16.50 -12.91
N ILE B 284 7.76 17.13 -12.95
CA ILE B 284 6.74 16.86 -14.01
C ILE B 284 7.34 17.11 -15.40
N GLU B 285 8.31 18.02 -15.52
CA GLU B 285 8.89 18.33 -16.85
CA GLU B 285 8.95 18.35 -16.82
C GLU B 285 9.67 17.13 -17.39
N LEU B 286 10.17 16.22 -16.54
CA LEU B 286 10.91 15.05 -17.08
C LEU B 286 10.01 14.25 -18.03
N TYR B 287 8.70 14.12 -17.76
CA TYR B 287 7.82 13.28 -18.58
C TYR B 287 7.71 13.85 -19.99
N ASP B 288 7.84 15.17 -20.17
CA ASP B 288 7.76 15.79 -21.52
C ASP B 288 8.94 15.28 -22.38
N VAL B 289 10.11 15.09 -21.77
CA VAL B 289 11.29 14.50 -22.46
C VAL B 289 10.93 13.09 -22.92
N VAL B 290 10.31 12.31 -22.03
CA VAL B 290 9.95 10.91 -22.34
C VAL B 290 8.93 10.89 -23.48
N TYR B 291 7.93 11.75 -23.44
CA TYR B 291 6.88 11.77 -24.48
C TYR B 291 7.52 12.15 -25.83
N GLU B 292 8.49 13.05 -25.82
CA GLU B 292 9.26 13.40 -27.04
C GLU B 292 10.03 12.18 -27.54
N TRP B 293 10.63 11.37 -26.65
CA TRP B 293 11.33 10.14 -27.09
C TRP B 293 10.35 9.22 -27.81
N ARG B 294 9.14 9.06 -27.25
CA ARG B 294 8.15 8.14 -27.86
C ARG B 294 7.75 8.71 -29.22
N GLU B 295 7.59 10.03 -29.32
CA GLU B 295 7.24 10.68 -30.61
C GLU B 295 8.31 10.35 -31.66
N PHE B 296 9.58 10.52 -31.29
CA PHE B 296 10.75 10.23 -32.15
C PHE B 296 10.70 8.76 -32.60
N LEU B 297 10.44 7.84 -31.66
CA LEU B 297 10.42 6.40 -31.96
C LEU B 297 9.25 6.06 -32.86
N ASP B 298 8.08 6.64 -32.60
CA ASP B 298 6.89 6.38 -33.43
C ASP B 298 7.20 6.84 -34.86
N GLU B 299 7.84 7.99 -35.03
CA GLU B 299 8.21 8.54 -36.36
C GLU B 299 9.26 7.61 -37.00
N TYR B 300 10.24 7.15 -36.21
CA TYR B 300 11.26 6.20 -36.72
C TYR B 300 10.58 4.93 -37.23
N ASN B 301 9.67 4.35 -36.44
CA ASN B 301 8.93 3.11 -36.80
C ASN B 301 8.13 3.32 -38.10
N LYS B 302 7.46 4.46 -38.22
CA LYS B 302 6.66 4.80 -39.42
C LYS B 302 7.58 4.82 -40.66
N ASN B 303 8.78 5.35 -40.52
CA ASN B 303 9.71 5.66 -41.65
C ASN B 303 10.63 4.47 -41.93
N HIS B 304 10.58 3.38 -41.16
CA HIS B 304 11.48 2.20 -41.35
C HIS B 304 10.68 0.91 -41.48
N GLY B 305 9.45 0.90 -40.96
CA GLY B 305 8.60 -0.31 -41.00
C GLY B 305 9.34 -1.47 -40.36
N GLY B 306 9.01 -2.70 -40.77
CA GLY B 306 9.46 -3.91 -40.06
C GLY B 306 8.93 -3.88 -38.63
N ASP B 307 9.50 -4.65 -37.72
CA ASP B 307 8.92 -4.83 -36.38
C ASP B 307 9.12 -3.55 -35.57
N THR B 308 8.16 -3.26 -34.71
CA THR B 308 8.16 -2.09 -33.82
C THR B 308 9.47 -2.07 -33.03
N ARG B 309 10.10 -0.91 -32.97
CA ARG B 309 11.21 -0.65 -32.04
C ARG B 309 10.62 0.04 -30.81
N VAL B 310 11.11 -0.33 -29.62
CA VAL B 310 10.42 0.08 -28.37
C VAL B 310 11.36 0.84 -27.44
N VAL B 311 10.77 1.53 -26.47
CA VAL B 311 11.51 2.16 -25.35
C VAL B 311 10.83 1.72 -24.05
N PHE B 312 11.63 1.11 -23.17
CA PHE B 312 11.23 0.74 -21.79
C PHE B 312 11.98 1.69 -20.84
N SER B 313 11.28 2.23 -19.84
CA SER B 313 11.86 3.28 -18.97
C SER B 313 12.15 2.71 -17.60
N GLU B 314 13.22 3.19 -16.98
CA GLU B 314 13.54 2.91 -15.56
C GLU B 314 13.26 4.14 -14.69
N GLY B 315 12.49 3.94 -13.63
CA GLY B 315 12.42 4.88 -12.52
C GLY B 315 11.82 4.21 -11.30
N TYR B 316 12.49 4.39 -10.18
CA TYR B 316 11.99 3.97 -8.85
C TYR B 316 11.29 5.17 -8.24
N ALA B 317 9.96 5.12 -8.21
CA ALA B 317 9.11 6.24 -7.80
C ALA B 317 7.79 5.67 -7.28
N ASN B 318 6.98 6.54 -6.66
CA ASN B 318 5.63 6.12 -6.18
C ASN B 318 4.78 5.72 -7.40
N VAL B 319 3.63 5.11 -7.18
CA VAL B 319 2.93 4.45 -8.31
C VAL B 319 2.37 5.51 -9.27
N SER B 320 1.87 6.64 -8.77
CA SER B 320 1.30 7.70 -9.64
C SER B 320 2.39 8.28 -10.55
N MET B 321 3.58 8.51 -10.00
CA MET B 321 4.72 9.07 -10.77
C MET B 321 5.25 8.00 -11.71
N THR B 322 5.17 6.73 -11.35
CA THR B 322 5.58 5.62 -12.25
C THR B 322 4.62 5.56 -13.45
N MET B 323 3.30 5.67 -13.22
CA MET B 323 2.33 5.50 -14.33
C MET B 323 2.45 6.66 -15.35
N LEU B 324 2.95 7.84 -14.97
CA LEU B 324 3.12 8.98 -15.91
C LEU B 324 4.17 8.65 -16.99
N TYR B 325 4.99 7.61 -16.79
CA TYR B 325 5.90 7.16 -17.87
C TYR B 325 5.11 6.58 -19.07
N TYR B 326 3.94 5.99 -18.83
CA TYR B 326 3.11 5.37 -19.89
C TYR B 326 2.54 6.47 -20.78
N GLY B 327 2.24 7.61 -20.18
CA GLY B 327 1.49 8.70 -20.82
C GLY B 327 0.71 9.50 -19.79
N ASN B 328 -0.15 10.41 -20.23
CA ASN B 328 -0.97 11.17 -19.25
C ASN B 328 -2.41 11.25 -19.78
N GLU B 329 -3.32 11.79 -18.99
CA GLU B 329 -4.74 11.72 -19.38
C GLU B 329 -5.11 12.94 -20.23
N ASP B 330 -4.13 13.77 -20.62
CA ASP B 330 -4.25 14.73 -21.75
C ASP B 330 -3.93 14.05 -23.10
N GLY B 331 -3.60 12.76 -23.12
CA GLY B 331 -3.35 12.01 -24.36
C GLY B 331 -1.87 11.89 -24.74
N ALA B 332 -0.94 12.43 -23.94
CA ALA B 332 0.50 12.18 -24.17
C ALA B 332 0.76 10.68 -24.03
N ILE B 333 1.66 10.15 -24.84
CA ILE B 333 2.07 8.71 -24.84
C ILE B 333 3.57 8.67 -24.57
N GLY B 334 4.01 7.84 -23.64
CA GLY B 334 5.43 7.73 -23.26
C GLY B 334 6.00 6.38 -23.58
N ALA B 335 6.76 5.82 -22.65
CA ALA B 335 7.45 4.55 -22.85
C ALA B 335 6.42 3.44 -23.16
N HIS B 336 6.83 2.48 -23.98
CA HIS B 336 6.03 1.26 -24.18
C HIS B 336 5.65 0.64 -22.83
N PHE B 337 6.57 0.68 -21.88
CA PHE B 337 6.18 0.61 -20.46
C PHE B 337 7.32 1.09 -19.58
N PRO B 338 6.97 1.61 -18.39
CA PRO B 338 7.92 1.71 -17.29
C PRO B 338 8.06 0.35 -16.62
N PHE B 339 9.29 0.02 -16.22
CA PHE B 339 9.58 -1.23 -15.49
C PHE B 339 8.79 -1.18 -14.17
N ASN B 340 8.20 -2.32 -13.82
CA ASN B 340 7.47 -2.58 -12.55
C ASN B 340 8.43 -3.25 -11.56
N PHE B 341 8.92 -2.54 -10.56
CA PHE B 341 9.91 -3.05 -9.60
C PHE B 341 9.26 -3.53 -8.29
N ASP B 342 7.94 -3.76 -8.28
CA ASP B 342 7.19 -4.06 -7.02
C ASP B 342 7.68 -5.35 -6.37
N PHE B 343 8.06 -6.37 -7.13
CA PHE B 343 8.61 -7.63 -6.55
C PHE B 343 10.01 -7.42 -5.96
N ILE B 344 10.67 -6.29 -6.25
CA ILE B 344 11.95 -5.88 -5.60
C ILE B 344 11.64 -5.01 -4.38
N THR B 345 10.79 -4.00 -4.54
CA THR B 345 10.66 -2.92 -3.54
C THR B 345 9.61 -3.22 -2.47
N ASP B 346 8.56 -4.01 -2.78
CA ASP B 346 7.38 -4.10 -1.88
C ASP B 346 7.06 -5.53 -1.42
N LEU B 347 7.79 -6.54 -1.86
CA LEU B 347 7.57 -7.96 -1.45
C LEU B 347 8.91 -8.56 -1.09
N SER B 348 8.89 -9.51 -0.17
CA SER B 348 10.12 -10.20 0.29
C SER B 348 9.70 -11.46 1.03
N SER B 349 10.66 -12.10 1.70
CA SER B 349 10.38 -13.24 2.59
C SER B 349 9.48 -12.81 3.76
N LYS B 350 9.29 -11.51 3.98
CA LYS B 350 8.40 -11.01 5.06
C LYS B 350 6.94 -11.09 4.62
N SER B 351 6.69 -11.24 3.32
CA SER B 351 5.35 -11.08 2.71
C SER B 351 4.53 -12.36 2.83
N ASN B 352 3.22 -12.22 3.06
CA ASN B 352 2.30 -13.36 3.03
C ASN B 352 1.51 -13.34 1.71
N ALA B 353 0.64 -14.34 1.50
CA ALA B 353 -0.08 -14.51 0.22
C ALA B 353 -0.96 -13.28 -0.04
N ARG B 354 -1.47 -12.64 1.01
CA ARG B 354 -2.34 -11.45 0.82
C ARG B 354 -1.50 -10.28 0.33
N ASP B 355 -0.31 -10.08 0.90
CA ASP B 355 0.68 -9.08 0.40
C ASP B 355 0.97 -9.32 -1.08
N PHE B 356 1.22 -10.57 -1.48
CA PHE B 356 1.52 -10.92 -2.89
C PHE B 356 0.38 -10.44 -3.80
N VAL B 357 -0.84 -10.79 -3.43
CA VAL B 357 -2.03 -10.46 -4.25
C VAL B 357 -2.19 -8.93 -4.28
N TYR B 358 -2.08 -8.28 -3.12
CA TYR B 358 -2.34 -6.83 -3.03
C TYR B 358 -1.31 -6.04 -3.85
N ILE B 359 -0.05 -6.48 -3.86
CA ILE B 359 1.01 -5.79 -4.63
C ILE B 359 0.81 -6.06 -6.12
N ILE B 360 0.47 -7.30 -6.50
CA ILE B 360 0.16 -7.59 -7.92
C ILE B 360 -0.98 -6.69 -8.39
N LEU B 361 -2.01 -6.53 -7.56
CA LEU B 361 -3.16 -5.65 -7.89
C LEU B 361 -2.76 -4.18 -8.04
N ARG B 362 -1.65 -3.72 -7.46
CA ARG B 362 -1.27 -2.30 -7.56
C ARG B 362 -0.97 -1.94 -9.02
N TRP B 363 -0.13 -2.70 -9.71
CA TRP B 363 0.14 -2.38 -11.12
C TRP B 363 -1.15 -2.45 -11.91
N LEU B 364 -1.97 -3.48 -11.66
CA LEU B 364 -3.18 -3.70 -12.48
C LEU B 364 -4.20 -2.59 -12.22
N THR B 365 -4.21 -2.01 -11.03
CA THR B 365 -5.22 -1.00 -10.62
C THR B 365 -4.80 0.37 -11.16
N TYR B 366 -3.49 0.68 -11.18
CA TYR B 366 -2.98 2.04 -11.50
C TYR B 366 -2.59 2.16 -12.99
N MET B 367 -2.31 1.05 -13.64
CA MET B 367 -1.88 1.08 -15.06
C MET B 367 -2.98 1.73 -15.89
N PRO B 368 -2.65 2.59 -16.87
CA PRO B 368 -3.66 3.22 -17.73
C PRO B 368 -4.32 2.20 -18.68
N TYR B 369 -5.51 2.52 -19.21
CA TYR B 369 -6.17 1.69 -20.25
C TYR B 369 -5.22 1.57 -21.44
N GLY B 370 -5.00 0.33 -21.88
CA GLY B 370 -4.13 0.01 -23.02
C GLY B 370 -2.68 -0.21 -22.60
N GLY B 371 -2.33 0.10 -21.34
CA GLY B 371 -0.97 -0.14 -20.81
C GLY B 371 -0.64 -1.63 -20.75
N ILE B 372 0.55 -2.02 -21.21
CA ILE B 372 1.04 -3.42 -21.14
C ILE B 372 1.69 -3.63 -19.77
N PRO B 373 1.22 -4.60 -18.97
CA PRO B 373 1.87 -4.89 -17.69
C PRO B 373 3.21 -5.62 -17.89
N ASN B 374 4.11 -5.44 -16.93
CA ASN B 374 5.41 -6.14 -16.91
C ASN B 374 5.76 -6.46 -15.46
N TRP B 375 6.67 -7.39 -15.25
CA TRP B 375 6.97 -7.91 -13.89
C TRP B 375 8.47 -8.14 -13.80
N VAL B 376 9.12 -7.50 -12.82
CA VAL B 376 10.58 -7.54 -12.64
C VAL B 376 10.89 -8.13 -11.27
N PHE B 377 11.74 -9.15 -11.22
CA PHE B 377 12.02 -9.90 -9.96
C PHE B 377 13.43 -9.60 -9.48
N GLY B 378 14.26 -8.94 -10.28
CA GLY B 378 15.64 -8.60 -9.91
C GLY B 378 16.33 -7.76 -10.96
N ASN B 379 17.53 -7.33 -10.61
CA ASN B 379 18.50 -6.69 -11.50
C ASN B 379 19.85 -6.64 -10.79
N HIS B 380 20.82 -6.02 -11.44
CA HIS B 380 22.20 -5.90 -10.93
C HIS B 380 22.32 -4.87 -9.80
N ASP B 381 21.24 -4.17 -9.46
CA ASP B 381 21.23 -3.13 -8.39
C ASP B 381 20.59 -3.64 -7.10
N ASN B 382 20.05 -4.87 -7.10
CA ASN B 382 19.27 -5.36 -5.96
C ASN B 382 19.72 -6.77 -5.62
N ASN B 383 19.39 -7.23 -4.42
CA ASN B 383 19.69 -8.63 -4.04
C ASN B 383 19.02 -9.59 -5.02
N ARG B 384 19.60 -10.75 -5.25
CA ARG B 384 18.98 -11.77 -6.12
C ARG B 384 17.68 -12.29 -5.50
N MET B 385 16.77 -12.69 -6.37
CA MET B 385 15.39 -13.09 -6.07
C MET B 385 15.37 -14.12 -4.94
N PRO B 386 16.16 -15.22 -4.95
CA PRO B 386 16.04 -16.22 -3.90
C PRO B 386 16.57 -15.73 -2.53
N THR B 387 17.44 -14.71 -2.55
CA THR B 387 18.03 -14.08 -1.34
C THR B 387 16.99 -13.14 -0.71
N ARG B 388 16.26 -12.41 -1.54
CA ARG B 388 15.21 -11.47 -1.06
CA ARG B 388 15.20 -11.47 -1.09
C ARG B 388 14.03 -12.28 -0.52
N PHE B 389 13.68 -13.38 -1.19
CA PHE B 389 12.57 -14.30 -0.78
C PHE B 389 13.23 -15.45 -0.01
N ARG B 390 13.02 -16.69 -0.45
CA ARG B 390 13.69 -17.88 0.14
C ARG B 390 14.11 -18.81 -0.99
N HIS B 391 15.06 -19.67 -0.71
CA HIS B 391 15.55 -20.67 -1.69
C HIS B 391 14.40 -21.58 -2.14
N ASP B 392 13.42 -21.83 -1.29
CA ASP B 392 12.32 -22.80 -1.60
C ASP B 392 11.22 -22.12 -2.43
N MET B 393 11.37 -20.84 -2.79
CA MET B 393 10.32 -20.06 -3.48
C MET B 393 10.68 -19.78 -4.94
N VAL B 394 11.85 -20.23 -5.40
CA VAL B 394 12.37 -19.86 -6.75
C VAL B 394 11.32 -20.22 -7.81
N ASP B 395 10.81 -21.44 -7.79
CA ASP B 395 9.92 -21.90 -8.89
C ASP B 395 8.62 -21.09 -8.86
N GLY B 396 8.02 -20.94 -7.68
CA GLY B 396 6.77 -20.16 -7.55
C GLY B 396 6.95 -18.74 -8.09
N LEU B 397 8.08 -18.10 -7.81
CA LEU B 397 8.37 -16.70 -8.28
C LEU B 397 8.47 -16.70 -9.82
N ASN B 398 9.22 -17.63 -10.41
CA ASN B 398 9.27 -17.72 -11.88
C ASN B 398 7.88 -18.05 -12.43
N ILE B 399 7.07 -18.83 -11.72
CA ILE B 399 5.71 -19.13 -12.24
C ILE B 399 4.89 -17.84 -12.25
N ILE B 400 4.93 -17.04 -11.20
CA ILE B 400 4.17 -15.76 -11.17
C ILE B 400 4.60 -14.94 -12.38
N ASN B 401 5.92 -14.77 -12.54
CA ASN B 401 6.50 -13.93 -13.63
C ASN B 401 5.90 -14.40 -14.97
N MET B 402 5.90 -15.69 -15.23
CA MET B 402 5.49 -16.23 -16.55
C MET B 402 3.97 -16.27 -16.73
N LEU B 403 3.18 -16.40 -15.66
CA LEU B 403 1.71 -16.60 -15.81
C LEU B 403 0.95 -15.29 -15.66
N LEU B 404 1.52 -14.25 -15.07
CA LEU B 404 0.83 -12.94 -15.05
C LEU B 404 0.70 -12.42 -16.48
N PRO B 405 -0.34 -11.61 -16.78
CA PRO B 405 -0.48 -11.06 -18.12
C PRO B 405 0.69 -10.13 -18.47
N GLY B 406 1.02 -10.03 -19.76
CA GLY B 406 2.00 -9.06 -20.26
C GLY B 406 3.39 -9.66 -20.38
N VAL B 407 4.39 -8.90 -19.92
CA VAL B 407 5.82 -9.15 -20.20
C VAL B 407 6.46 -9.68 -18.91
N ALA B 408 7.15 -10.80 -19.04
CA ALA B 408 7.99 -11.38 -17.98
C ALA B 408 9.40 -10.86 -18.17
N VAL B 409 9.99 -10.32 -17.13
CA VAL B 409 11.39 -9.82 -17.16
C VAL B 409 12.19 -10.72 -16.24
N THR B 410 13.28 -11.27 -16.75
CA THR B 410 14.19 -12.17 -16.02
C THR B 410 15.57 -11.53 -15.93
N TYR B 411 16.17 -11.56 -14.74
CA TYR B 411 17.55 -11.08 -14.56
C TYR B 411 18.47 -12.29 -14.54
N GLN B 412 19.52 -12.22 -15.35
CA GLN B 412 20.62 -13.21 -15.43
C GLN B 412 20.76 -13.99 -14.12
N GLY B 413 20.50 -15.30 -14.16
CA GLY B 413 20.66 -16.21 -13.01
C GLY B 413 19.35 -16.63 -12.39
N GLU B 414 18.28 -15.86 -12.58
CA GLU B 414 16.96 -16.25 -11.98
C GLU B 414 16.47 -17.57 -12.59
N GLU B 415 16.86 -17.89 -13.83
CA GLU B 415 16.40 -19.11 -14.54
C GLU B 415 17.05 -20.35 -13.90
N ILE B 416 18.11 -20.19 -13.12
CA ILE B 416 18.75 -21.32 -12.37
C ILE B 416 18.70 -21.08 -10.86
N GLY B 417 18.03 -20.03 -10.38
CA GLY B 417 17.93 -19.75 -8.94
C GLY B 417 19.24 -19.37 -8.28
N MET B 418 20.07 -18.57 -8.96
CA MET B 418 21.32 -18.07 -8.35
C MET B 418 20.99 -17.22 -7.12
N ARG B 419 21.77 -17.41 -6.07
CA ARG B 419 21.73 -16.61 -4.83
C ARG B 419 22.81 -15.52 -4.87
N ASP B 420 22.67 -14.50 -4.03
CA ASP B 420 23.74 -13.50 -3.85
C ASP B 420 25.03 -14.27 -3.54
N GLY B 421 26.14 -13.84 -4.12
CA GLY B 421 27.46 -14.31 -3.73
C GLY B 421 28.04 -13.50 -2.60
N TYR B 422 28.86 -14.13 -1.76
CA TYR B 422 29.64 -13.41 -0.73
C TYR B 422 30.72 -12.58 -1.42
N VAL B 423 30.81 -11.30 -1.08
CA VAL B 423 31.89 -10.40 -1.57
C VAL B 423 32.46 -9.67 -0.36
N SER B 424 33.73 -9.92 -0.05
CA SER B 424 34.45 -9.26 1.07
C SER B 424 34.61 -7.78 0.77
N TRP B 425 34.88 -6.95 1.80
CA TRP B 425 35.26 -5.54 1.61
C TRP B 425 36.44 -5.46 0.62
N GLU B 426 37.43 -6.32 0.79
CA GLU B 426 38.66 -6.32 -0.05
C GLU B 426 38.29 -6.54 -1.53
N ASP B 427 37.28 -7.35 -1.82
CA ASP B 427 36.87 -7.68 -3.21
C ASP B 427 35.75 -6.76 -3.71
N THR B 428 35.27 -5.84 -2.87
CA THR B 428 34.18 -4.91 -3.25
C THR B 428 34.69 -3.89 -4.26
N VAL B 429 33.97 -3.70 -5.36
CA VAL B 429 34.36 -2.69 -6.40
C VAL B 429 33.22 -1.71 -6.68
N ASP B 430 32.00 -1.97 -6.20
CA ASP B 430 30.85 -1.07 -6.41
C ASP B 430 31.17 0.31 -5.83
N ILE B 431 31.18 1.34 -6.67
CA ILE B 431 31.46 2.75 -6.25
C ILE B 431 30.49 3.14 -5.13
N GLU B 432 29.26 2.63 -5.14
CA GLU B 432 28.28 3.05 -4.09
C GLU B 432 28.79 2.59 -2.72
N ALA B 433 29.28 1.36 -2.61
CA ALA B 433 29.78 0.80 -1.33
C ALA B 433 31.10 1.46 -0.97
N CYS B 434 31.97 1.72 -1.95
CA CYS B 434 33.29 2.36 -1.72
C CYS B 434 33.09 3.80 -1.23
N ASN B 435 32.07 4.51 -1.71
CA ASN B 435 31.85 5.93 -1.32
C ASN B 435 31.00 6.04 -0.04
N ARG B 436 30.02 5.16 0.19
CA ARG B 436 29.07 5.31 1.31
C ARG B 436 29.48 4.43 2.49
N GLY B 437 30.34 3.45 2.24
CA GLY B 437 30.54 2.32 3.17
C GLY B 437 31.94 2.27 3.73
N ASP B 438 32.14 1.34 4.65
CA ASP B 438 33.48 1.02 5.23
C ASP B 438 33.48 -0.48 5.49
N PRO B 439 34.57 -1.09 6.04
CA PRO B 439 34.60 -2.53 6.28
C PRO B 439 33.41 -3.05 7.11
N ASP B 440 32.82 -2.21 7.95
CA ASP B 440 31.72 -2.60 8.86
C ASP B 440 30.38 -2.48 8.15
N THR B 441 30.21 -1.51 7.24
CA THR B 441 28.85 -1.12 6.74
C THR B 441 28.68 -1.41 5.25
N TYR B 442 29.73 -1.79 4.53
CA TYR B 442 29.72 -1.81 3.03
C TYR B 442 28.58 -2.68 2.53
N HIS B 443 28.26 -3.75 3.25
CA HIS B 443 27.24 -4.76 2.85
C HIS B 443 25.84 -4.14 2.78
N LEU B 444 25.60 -3.01 3.46
CA LEU B 444 24.31 -2.31 3.41
C LEU B 444 24.08 -1.68 2.04
N TYR B 445 25.14 -1.38 1.29
CA TYR B 445 25.09 -0.54 0.07
C TYR B 445 25.52 -1.33 -1.17
N SER B 446 26.43 -2.28 -1.02
CA SER B 446 27.10 -2.90 -2.20
C SER B 446 26.10 -3.67 -3.06
N ARG B 447 26.21 -3.47 -4.38
CA ARG B 447 25.39 -4.16 -5.40
C ARG B 447 26.18 -5.35 -5.92
N ASP B 448 27.44 -5.54 -5.51
CA ASP B 448 28.31 -6.62 -6.03
C ASP B 448 27.74 -8.02 -5.82
N PRO B 449 27.08 -8.37 -4.69
CA PRO B 449 26.56 -9.72 -4.51
C PRO B 449 25.65 -10.23 -5.62
N ALA B 450 24.96 -9.31 -6.31
CA ALA B 450 24.02 -9.68 -7.39
C ALA B 450 24.73 -9.64 -8.74
N ARG B 451 26.03 -9.33 -8.75
CA ARG B 451 26.82 -9.15 -9.99
C ARG B 451 27.87 -10.25 -10.13
N THR B 452 27.87 -11.25 -9.26
CA THR B 452 28.89 -12.34 -9.32
C THR B 452 28.68 -13.16 -10.59
N PRO B 453 29.76 -13.74 -11.14
CA PRO B 453 29.68 -14.46 -12.40
C PRO B 453 28.60 -15.55 -12.48
N TYR B 454 28.00 -15.66 -13.64
CA TYR B 454 26.94 -16.63 -13.94
C TYR B 454 27.46 -18.07 -13.80
N HIS B 455 26.64 -18.94 -13.24
CA HIS B 455 27.01 -20.36 -13.01
C HIS B 455 26.61 -21.27 -14.19
N TRP B 456 27.51 -21.44 -15.17
CA TRP B 456 27.28 -22.30 -16.35
C TRP B 456 27.38 -23.76 -15.92
N ASP B 457 28.38 -24.09 -15.09
CA ASP B 457 28.68 -25.51 -14.78
C ASP B 457 29.56 -25.56 -13.53
N ASN B 458 30.12 -26.73 -13.23
CA ASN B 458 30.90 -26.93 -11.99
C ASN B 458 32.40 -26.90 -12.33
N SER B 459 32.78 -26.38 -13.50
CA SER B 459 34.20 -26.19 -13.90
C SER B 459 34.79 -24.98 -13.19
N THR B 460 36.08 -24.72 -13.45
CA THR B 460 36.80 -23.54 -12.92
C THR B 460 35.89 -22.32 -13.08
N SER B 461 35.70 -21.55 -12.01
CA SER B 461 34.92 -20.28 -12.06
C SER B 461 33.53 -20.50 -12.65
N ALA B 462 32.95 -21.67 -12.37
CA ALA B 462 31.59 -22.09 -12.78
C ALA B 462 31.43 -22.03 -14.29
N GLY B 463 32.51 -22.14 -15.06
CA GLY B 463 32.45 -22.08 -16.53
C GLY B 463 32.21 -20.67 -17.06
N PHE B 464 32.15 -19.66 -16.20
CA PHE B 464 32.10 -18.24 -16.64
C PHE B 464 33.41 -17.89 -17.35
N SER B 465 34.52 -18.39 -16.80
CA SER B 465 35.91 -18.12 -17.28
C SER B 465 36.74 -19.40 -17.17
N THR B 466 37.78 -19.50 -17.97
CA THR B 466 38.78 -20.59 -17.86
C THR B 466 39.76 -20.29 -16.72
N SER B 467 39.79 -19.04 -16.26
CA SER B 467 40.74 -18.58 -15.21
C SER B 467 40.07 -18.59 -13.84
N THR B 468 40.84 -18.84 -12.79
CA THR B 468 40.35 -18.75 -11.40
C THR B 468 40.23 -17.29 -10.94
N ASN B 469 40.79 -16.34 -11.68
CA ASN B 469 40.76 -14.87 -11.43
C ASN B 469 39.57 -14.24 -12.16
N THR B 470 38.50 -13.90 -11.44
CA THR B 470 37.27 -13.27 -12.04
C THR B 470 37.09 -11.88 -11.41
N TRP B 471 36.44 -10.95 -12.12
CA TRP B 471 36.45 -9.54 -11.70
C TRP B 471 35.70 -9.36 -10.36
N LEU B 472 34.67 -10.19 -10.13
CA LEU B 472 34.09 -10.42 -8.79
C LEU B 472 34.19 -11.92 -8.52
N PRO B 473 34.29 -12.31 -7.24
CA PRO B 473 34.41 -13.72 -6.86
C PRO B 473 33.14 -14.49 -7.26
N VAL B 474 33.35 -15.71 -7.76
CA VAL B 474 32.24 -16.66 -8.03
C VAL B 474 31.63 -17.07 -6.70
N ALA B 475 30.31 -17.11 -6.60
CA ALA B 475 29.57 -17.54 -5.40
C ALA B 475 30.03 -18.93 -4.96
N GLU B 476 30.03 -19.15 -3.64
CA GLU B 476 30.54 -20.40 -3.01
C GLU B 476 29.66 -21.60 -3.36
N ASP B 477 28.41 -21.39 -3.82
CA ASP B 477 27.44 -22.49 -4.08
C ASP B 477 27.40 -22.92 -5.56
N TYR B 478 28.37 -22.56 -6.39
CA TYR B 478 28.28 -22.83 -7.85
C TYR B 478 28.29 -24.34 -8.14
N GLN B 479 28.86 -25.18 -7.28
CA GLN B 479 28.85 -26.65 -7.50
C GLN B 479 27.43 -27.20 -7.28
N GLU B 480 26.63 -26.56 -6.42
CA GLU B 480 25.23 -26.97 -6.12
C GLU B 480 24.27 -26.32 -7.12
N ILE B 481 24.56 -25.08 -7.55
CA ILE B 481 23.60 -24.29 -8.37
C ILE B 481 24.29 -23.90 -9.68
N ASN B 482 24.05 -24.63 -10.76
CA ASN B 482 24.66 -24.29 -12.07
C ASN B 482 23.80 -24.87 -13.18
N LEU B 483 23.88 -24.27 -14.37
CA LEU B 483 22.96 -24.57 -15.48
C LEU B 483 23.16 -26.02 -15.94
N ALA B 484 24.39 -26.49 -16.11
CA ALA B 484 24.64 -27.85 -16.67
C ALA B 484 24.01 -28.89 -15.72
N LYS B 485 24.16 -28.72 -14.41
CA LYS B 485 23.57 -29.64 -13.42
C LYS B 485 22.07 -29.66 -13.58
N GLN B 486 21.44 -28.48 -13.78
CA GLN B 486 19.96 -28.42 -13.87
C GLN B 486 19.48 -28.99 -15.22
N LYS B 487 20.31 -29.00 -16.25
CA LYS B 487 19.91 -29.66 -17.52
C LYS B 487 19.97 -31.19 -17.36
N GLU B 488 20.81 -31.70 -16.45
CA GLU B 488 21.10 -33.16 -16.35
C GLU B 488 20.21 -33.81 -15.29
N THR B 489 19.71 -33.06 -14.30
CA THR B 489 18.86 -33.64 -13.23
CA THR B 489 18.85 -33.58 -13.21
C THR B 489 17.42 -33.70 -13.74
N ALA B 490 16.61 -34.63 -13.20
CA ALA B 490 15.24 -34.91 -13.66
C ALA B 490 14.37 -33.64 -13.51
N ARG B 491 14.53 -32.98 -12.38
CA ARG B 491 13.75 -31.79 -11.98
C ARG B 491 14.70 -30.66 -11.62
N SER B 492 14.41 -29.46 -12.08
CA SER B 492 15.28 -28.30 -11.80
C SER B 492 14.58 -26.98 -12.06
N HIS B 493 15.15 -25.92 -11.51
CA HIS B 493 14.67 -24.54 -11.74
C HIS B 493 14.67 -24.27 -13.24
N PHE B 494 15.74 -24.62 -13.94
CA PHE B 494 15.85 -24.33 -15.39
C PHE B 494 14.79 -25.12 -16.19
N LYS B 495 14.60 -26.41 -15.91
CA LYS B 495 13.57 -27.20 -16.63
C LYS B 495 12.18 -26.62 -16.37
N ASN B 496 11.93 -26.12 -15.17
CA ASN B 496 10.64 -25.43 -14.84
C ASN B 496 10.56 -24.14 -15.66
N TYR B 497 11.65 -23.37 -15.70
CA TYR B 497 11.74 -22.13 -16.50
C TYR B 497 11.38 -22.40 -17.97
N GLN B 498 11.99 -23.40 -18.60
CA GLN B 498 11.71 -23.80 -20.00
C GLN B 498 10.23 -24.17 -20.15
N ALA B 499 9.68 -24.93 -19.22
CA ALA B 499 8.27 -25.37 -19.33
C ALA B 499 7.37 -24.14 -19.29
N LEU B 500 7.71 -23.16 -18.48
CA LEU B 500 6.87 -21.95 -18.29
C LEU B 500 6.99 -21.05 -19.52
N THR B 501 8.18 -20.83 -20.08
CA THR B 501 8.31 -19.97 -21.29
C THR B 501 7.62 -20.65 -22.47
N LYS B 502 7.67 -21.98 -22.51
CA LYS B 502 6.93 -22.76 -23.55
C LYS B 502 5.42 -22.54 -23.38
N LEU B 503 4.94 -22.57 -22.14
CA LEU B 503 3.50 -22.40 -21.84
C LEU B 503 3.02 -21.02 -22.32
N ARG B 504 3.87 -19.99 -22.30
CA ARG B 504 3.46 -18.62 -22.72
C ARG B 504 3.04 -18.58 -24.19
N LYS B 505 3.46 -19.54 -25.01
CA LYS B 505 3.01 -19.59 -26.43
C LYS B 505 1.56 -20.05 -26.52
N GLN B 506 0.98 -20.63 -25.45
CA GLN B 506 -0.43 -21.06 -25.47
C GLN B 506 -1.34 -19.81 -25.40
N ALA B 507 -2.41 -19.79 -26.19
CA ALA B 507 -3.34 -18.66 -26.28
C ALA B 507 -3.87 -18.26 -24.90
N THR B 508 -4.10 -19.20 -24.00
CA THR B 508 -4.61 -18.89 -22.65
C THR B 508 -3.67 -17.89 -21.94
N LEU B 509 -2.36 -18.02 -22.12
CA LEU B 509 -1.41 -17.09 -21.43
C LEU B 509 -1.24 -15.78 -22.20
N SER B 510 -1.19 -15.81 -23.54
CA SER B 510 -1.03 -14.57 -24.36
C SER B 510 -2.31 -13.73 -24.35
N HIS B 511 -3.49 -14.36 -24.46
CA HIS B 511 -4.80 -13.69 -24.75
C HIS B 511 -5.80 -13.85 -23.60
N GLY B 512 -5.54 -14.73 -22.63
CA GLY B 512 -6.56 -15.10 -21.63
C GLY B 512 -6.77 -14.02 -20.59
N GLU B 513 -7.90 -14.11 -19.90
CA GLU B 513 -8.21 -13.27 -18.73
C GLU B 513 -7.36 -13.75 -17.55
N TYR B 514 -7.37 -12.98 -16.48
CA TYR B 514 -6.61 -13.31 -15.24
C TYR B 514 -7.48 -13.04 -14.03
N ASP B 515 -7.47 -13.97 -13.09
CA ASP B 515 -8.20 -13.87 -11.81
C ASP B 515 -7.17 -14.20 -10.72
N ILE B 516 -7.02 -13.33 -9.72
CA ILE B 516 -6.02 -13.55 -8.63
C ILE B 516 -6.66 -13.22 -7.29
N ARG B 517 -6.52 -14.12 -6.33
CA ARG B 517 -7.04 -13.91 -4.96
C ARG B 517 -6.25 -14.80 -4.02
N ALA B 518 -6.17 -14.41 -2.74
CA ALA B 518 -5.60 -15.24 -1.67
C ALA B 518 -6.67 -16.23 -1.19
N LEU B 519 -6.31 -17.50 -1.06
CA LEU B 519 -7.16 -18.52 -0.40
C LEU B 519 -6.98 -18.46 1.12
N SER B 520 -5.83 -17.99 1.58
CA SER B 520 -5.47 -17.91 3.01
C SER B 520 -4.34 -16.90 3.13
N ASP B 521 -3.82 -16.71 4.32
CA ASP B 521 -2.62 -15.89 4.54
C ASP B 521 -1.41 -16.56 3.86
N ARG B 522 -1.50 -17.85 3.54
CA ARG B 522 -0.33 -18.62 3.08
C ARG B 522 -0.35 -18.85 1.56
N THR B 523 -1.51 -19.07 0.96
CA THR B 523 -1.63 -19.58 -0.43
C THR B 523 -2.50 -18.62 -1.25
N PHE B 524 -2.07 -18.30 -2.48
CA PHE B 524 -2.94 -17.59 -3.46
C PHE B 524 -2.99 -18.40 -4.74
N TYR B 525 -4.04 -18.13 -5.53
CA TYR B 525 -4.21 -18.62 -6.90
C TYR B 525 -4.08 -17.46 -7.89
N LEU B 526 -3.62 -17.82 -9.08
CA LEU B 526 -3.69 -17.00 -10.30
C LEU B 526 -4.21 -17.91 -11.41
N VAL B 527 -5.38 -17.57 -11.94
CA VAL B 527 -6.05 -18.35 -13.01
C VAL B 527 -5.97 -17.59 -14.32
N ARG B 528 -5.48 -18.23 -15.37
CA ARG B 528 -5.59 -17.74 -16.76
C ARG B 528 -6.65 -18.59 -17.46
N SER B 529 -7.65 -17.94 -18.06
CA SER B 529 -8.80 -18.62 -18.67
C SER B 529 -9.12 -17.97 -20.00
N LEU B 530 -9.68 -18.73 -20.94
CA LEU B 530 -10.02 -18.24 -22.28
C LEU B 530 -10.99 -19.23 -22.88
N PRO B 531 -12.26 -18.86 -23.14
CA PRO B 531 -13.23 -19.83 -23.65
C PRO B 531 -12.67 -20.65 -24.82
N THR B 532 -12.83 -21.97 -24.74
CA THR B 532 -12.45 -23.02 -25.75
C THR B 532 -10.97 -23.41 -25.63
N HIS B 533 -10.19 -22.73 -24.77
CA HIS B 533 -8.74 -23.02 -24.56
C HIS B 533 -8.55 -23.54 -23.14
N ASP B 534 -7.50 -24.32 -22.91
CA ASP B 534 -7.22 -24.95 -21.60
C ASP B 534 -7.08 -23.85 -20.54
N THR B 535 -7.53 -24.15 -19.34
CA THR B 535 -7.39 -23.26 -18.15
C THR B 535 -6.05 -23.58 -17.48
N TYR B 536 -5.33 -22.57 -17.01
CA TYR B 536 -4.07 -22.77 -16.24
C TYR B 536 -4.20 -22.03 -14.91
N VAL B 537 -3.79 -22.71 -13.86
CA VAL B 537 -3.96 -22.25 -12.46
C VAL B 537 -2.61 -22.34 -11.75
N LEU B 538 -2.08 -21.22 -11.26
CA LEU B 538 -0.98 -21.23 -10.28
C LEU B 538 -1.60 -21.31 -8.89
N LEU B 539 -1.07 -22.21 -8.07
CA LEU B 539 -1.30 -22.25 -6.62
C LEU B 539 0.07 -22.12 -5.97
N PHE B 540 0.24 -21.17 -5.08
CA PHE B 540 1.56 -20.90 -4.47
C PHE B 540 1.38 -20.66 -2.98
N ASN B 541 1.98 -21.53 -2.16
CA ASN B 541 2.14 -21.33 -0.70
C ASN B 541 3.43 -20.55 -0.49
N VAL B 542 3.32 -19.23 -0.25
CA VAL B 542 4.49 -18.33 -0.09
C VAL B 542 4.99 -18.37 1.36
N SER B 543 4.31 -19.10 2.24
CA SER B 543 4.60 -19.07 3.68
C SER B 543 5.67 -20.10 4.06
N GLU B 544 6.07 -20.07 5.32
CA GLU B 544 7.02 -21.06 5.89
CA GLU B 544 7.02 -21.06 5.90
C GLU B 544 6.25 -22.24 6.53
N ARG B 545 4.93 -22.28 6.40
CA ARG B 545 4.10 -23.35 7.01
C ARG B 545 3.30 -24.06 5.93
N ARG B 546 2.89 -25.30 6.19
CA ARG B 546 1.99 -26.02 5.26
C ARG B 546 0.62 -25.34 5.29
N ASP B 547 -0.15 -25.55 4.23
CA ASP B 547 -1.50 -25.02 4.08
C ASP B 547 -2.37 -26.03 3.38
N THR B 548 -3.62 -26.18 3.80
CA THR B 548 -4.60 -26.99 3.02
C THR B 548 -5.69 -26.04 2.54
N VAL B 549 -6.00 -26.08 1.24
CA VAL B 549 -6.97 -25.16 0.60
C VAL B 549 -8.07 -25.98 -0.09
N ASP B 550 -9.21 -25.32 -0.27
CA ASP B 550 -10.37 -25.86 -1.02
C ASP B 550 -10.27 -25.36 -2.47
N LEU B 551 -9.91 -26.24 -3.40
CA LEU B 551 -9.85 -25.92 -4.85
C LEU B 551 -11.23 -25.58 -5.40
N GLY B 552 -12.31 -25.92 -4.68
CA GLY B 552 -13.68 -25.52 -5.03
C GLY B 552 -13.84 -24.01 -5.08
N ARG B 553 -12.94 -23.28 -4.43
CA ARG B 553 -12.98 -21.79 -4.34
C ARG B 553 -12.26 -21.16 -5.53
N VAL B 554 -11.55 -21.94 -6.33
CA VAL B 554 -10.75 -21.38 -7.46
C VAL B 554 -11.64 -21.26 -8.68
N PRO B 555 -11.83 -20.04 -9.25
CA PRO B 555 -12.67 -19.86 -10.43
C PRO B 555 -12.11 -20.61 -11.64
N HIS B 556 -13.02 -21.13 -12.48
CA HIS B 556 -12.68 -21.80 -13.77
C HIS B 556 -11.93 -23.11 -13.58
N LEU B 557 -11.75 -23.61 -12.36
CA LEU B 557 -11.04 -24.88 -12.10
C LEU B 557 -12.07 -26.01 -11.96
N THR B 558 -12.08 -26.93 -12.90
CA THR B 558 -12.89 -28.17 -12.81
C THR B 558 -11.89 -29.32 -12.67
N LEU B 559 -12.14 -30.22 -11.72
CA LEU B 559 -11.29 -31.41 -11.49
C LEU B 559 -11.92 -32.57 -12.24
N PRO B 560 -11.15 -33.59 -12.67
CA PRO B 560 -9.72 -33.66 -12.39
C PRO B 560 -8.91 -32.67 -13.24
N ALA B 561 -7.75 -32.26 -12.72
CA ALA B 561 -6.77 -31.39 -13.41
C ALA B 561 -5.41 -32.08 -13.37
N THR B 562 -4.46 -31.63 -14.19
CA THR B 562 -3.11 -32.24 -14.28
C THR B 562 -2.06 -31.21 -13.85
N VAL B 563 -1.05 -31.66 -13.10
CA VAL B 563 0.13 -30.82 -12.78
C VAL B 563 0.94 -30.62 -14.07
N TYR B 564 1.09 -29.37 -14.51
CA TYR B 564 1.91 -29.00 -15.69
C TYR B 564 3.35 -28.74 -15.23
N VAL B 565 3.50 -27.96 -14.16
CA VAL B 565 4.79 -27.64 -13.53
C VAL B 565 4.61 -27.72 -12.01
N SER B 566 5.63 -28.21 -11.32
CA SER B 566 5.70 -28.17 -9.86
C SER B 566 7.08 -27.69 -9.41
N SER B 567 7.13 -27.04 -8.26
CA SER B 567 8.38 -26.73 -7.52
CA SER B 567 8.41 -26.71 -7.59
C SER B 567 9.24 -27.99 -7.44
N ILE B 568 10.56 -27.82 -7.45
CA ILE B 568 11.50 -28.99 -7.46
C ILE B 568 11.34 -29.83 -6.19
N HIS B 569 10.79 -29.28 -5.10
CA HIS B 569 10.60 -30.00 -3.80
C HIS B 569 9.18 -30.58 -3.69
N SER B 570 8.30 -30.40 -4.67
CA SER B 570 6.87 -30.78 -4.60
C SER B 570 6.70 -32.31 -4.57
N ALA B 571 5.73 -32.81 -3.80
CA ALA B 571 5.27 -34.22 -3.83
C ALA B 571 4.81 -34.60 -5.24
N ARG B 572 4.38 -33.62 -6.05
CA ARG B 572 3.67 -33.86 -7.32
C ARG B 572 4.65 -33.62 -8.47
N LEU B 573 4.79 -34.62 -9.34
CA LEU B 573 5.52 -34.50 -10.63
C LEU B 573 4.57 -34.02 -11.71
N ALA B 574 5.11 -33.36 -12.73
CA ALA B 574 4.38 -33.05 -13.98
C ALA B 574 3.65 -34.32 -14.40
N GLY B 575 2.36 -34.23 -14.73
CA GLY B 575 1.53 -35.40 -15.09
C GLY B 575 0.65 -35.87 -13.96
N HIS B 576 0.96 -35.51 -12.71
CA HIS B 576 0.20 -35.90 -11.50
C HIS B 576 -1.24 -35.44 -11.66
N GLU B 577 -2.21 -36.33 -11.38
CA GLU B 577 -3.65 -35.99 -11.52
C GLU B 577 -4.14 -35.45 -10.17
N ILE B 578 -4.70 -34.25 -10.16
CA ILE B 578 -5.40 -33.68 -8.98
C ILE B 578 -6.88 -34.06 -9.11
N THR B 579 -7.38 -34.91 -8.20
CA THR B 579 -8.78 -35.42 -8.20
C THR B 579 -9.55 -34.86 -7.01
N SER B 580 -8.90 -34.61 -5.88
CA SER B 580 -9.54 -34.14 -4.62
C SER B 580 -9.66 -32.61 -4.62
N SER B 581 -10.76 -32.07 -4.11
CA SER B 581 -10.95 -30.61 -3.92
C SER B 581 -10.08 -30.11 -2.75
N GLN B 582 -9.60 -31.00 -1.87
CA GLN B 582 -8.73 -30.61 -0.73
C GLN B 582 -7.27 -30.78 -1.17
N LEU B 583 -6.47 -29.71 -1.11
CA LEU B 583 -5.06 -29.77 -1.56
C LEU B 583 -4.16 -29.24 -0.45
N SER B 584 -3.21 -30.06 -0.01
CA SER B 584 -2.20 -29.66 0.99
CA SER B 584 -2.19 -29.66 0.98
C SER B 584 -0.91 -29.24 0.24
N LEU B 585 -0.43 -28.04 0.53
CA LEU B 585 0.80 -27.48 -0.09
C LEU B 585 1.84 -27.26 1.01
N GLU B 586 3.06 -27.71 0.78
N GLU B 586 3.07 -27.72 0.79
CA GLU B 586 4.23 -27.46 1.64
CA GLU B 586 4.21 -27.45 1.69
C GLU B 586 4.62 -25.97 1.57
C GLU B 586 4.62 -25.98 1.56
N ALA B 587 5.32 -25.48 2.57
CA ALA B 587 5.97 -24.14 2.55
C ALA B 587 6.73 -23.97 1.22
N GLY B 588 6.43 -22.92 0.47
CA GLY B 588 7.12 -22.57 -0.78
C GLY B 588 6.61 -23.34 -1.99
N GLU B 589 5.73 -24.33 -1.81
CA GLU B 589 5.32 -25.24 -2.90
C GLU B 589 4.46 -24.46 -3.89
N ALA B 590 4.74 -24.61 -5.17
CA ALA B 590 3.93 -24.00 -6.25
C ALA B 590 3.63 -25.05 -7.29
N LEU B 591 2.41 -25.02 -7.78
CA LEU B 591 1.92 -25.87 -8.88
C LEU B 591 1.34 -25.00 -9.97
N VAL B 592 1.54 -25.38 -11.22
CA VAL B 592 0.64 -24.96 -12.34
C VAL B 592 -0.24 -26.15 -12.71
N LEU B 593 -1.55 -26.01 -12.60
CA LEU B 593 -2.52 -27.06 -13.01
C LEU B 593 -3.03 -26.71 -14.40
N LYS B 594 -3.15 -27.73 -15.25
CA LYS B 594 -3.83 -27.65 -16.56
C LYS B 594 -5.23 -28.25 -16.35
N ALA B 595 -6.27 -27.50 -16.69
CA ALA B 595 -7.68 -27.90 -16.51
C ALA B 595 -8.46 -27.65 -17.80
N GLN B 596 -9.64 -28.25 -17.89
CA GLN B 596 -10.51 -28.19 -19.08
C GLN B 596 -10.86 -26.74 -19.40
N PRO B 597 -11.04 -26.42 -20.70
CA PRO B 597 -11.53 -25.11 -21.10
C PRO B 597 -12.83 -24.69 -20.39
N ILE B 598 -12.97 -23.38 -20.19
CA ILE B 598 -14.28 -22.75 -19.88
C ILE B 598 -14.99 -22.46 -21.21
#